data_1QV6
#
_entry.id   1QV6
#
_cell.length_a   44.255
_cell.length_b   51.115
_cell.length_c   92.722
_cell.angle_alpha   91.61
_cell.angle_beta   103.05
_cell.angle_gamma   109.90
#
_symmetry.space_group_name_H-M   'P 1'
#
loop_
_entity.id
_entity.type
_entity.pdbx_description
1 polymer 'Alcohol dehydrogenase E chain'
2 non-polymer 'ZINC ION'
3 non-polymer NICOTINAMIDE-ADENINE-DINUCLEOTIDE
4 non-polymer (2,4-DIFLUOROPHENYL)METHANOL
5 non-polymer (4S)-2-METHYL-2,4-PENTANEDIOL
6 water water
#
_entity_poly.entity_id   1
_entity_poly.type   'polypeptide(L)'
_entity_poly.pdbx_seq_one_letter_code
;STAGKVIKCKAAVLWEEKKPFSIEEVEVAPPKAHEVRIKMVATGICRSDDQVVSGTLVTPLPVIAGHEAAGIVESIGEGV
TTVRPGDKVIPLFTPQCGKCRVCKHPEGNFCLKNDLSMPRGTMQDGTSRFTCRGKPIHHFLGTSTFSQYTVVDEISVAKI
DAASPLEKVCLIGCGFSTGYGSAVKVAKVTQGSTCAVFGLGGVGLSVIMGCKAAGAARIIGVDINKDRFAKAKEVGATEC
VNPQDYKKPIQEVLTEMSNGGVDFSFEVIGRLDTMVTALSCCQEAYGVSVIVGVPPDSQNLSMNPMLLLSGRTWKGAIFG
GFKSKDSVPKLVADFMAKKFALDPLITHVLPFEKINEGFDLLRSGESIRTILTF
;
_entity_poly.pdbx_strand_id   A,B
#
# COMPACT_ATOMS: atom_id res chain seq x y z
N SER A 1 20.11 -35.83 -32.23
CA SER A 1 20.79 -36.89 -31.40
C SER A 1 20.23 -37.07 -29.97
N THR A 2 20.09 -36.00 -29.17
CA THR A 2 19.55 -36.18 -27.82
C THR A 2 18.02 -35.98 -27.77
N ALA A 3 17.48 -35.44 -28.83
CA ALA A 3 16.05 -35.21 -28.90
C ALA A 3 15.26 -36.48 -28.56
N GLY A 4 14.30 -36.37 -27.64
CA GLY A 4 13.47 -37.49 -27.25
C GLY A 4 14.10 -38.54 -26.33
N LYS A 5 15.32 -38.32 -25.91
CA LYS A 5 15.99 -39.25 -25.03
C LYS A 5 16.28 -38.63 -23.67
N VAL A 6 16.45 -39.47 -22.66
CA VAL A 6 16.93 -38.96 -21.39
C VAL A 6 18.36 -38.42 -21.55
N ILE A 7 18.66 -37.30 -20.91
CA ILE A 7 20.04 -36.82 -20.90
C ILE A 7 20.60 -37.00 -19.50
N LYS A 8 21.80 -37.55 -19.41
CA LYS A 8 22.49 -37.61 -18.13
C LYS A 8 23.47 -36.44 -18.15
N CYS A 9 23.44 -35.62 -17.10
CA CYS A 9 24.31 -34.46 -17.00
C CYS A 9 24.60 -34.16 -15.54
N LYS A 10 25.47 -33.20 -15.27
CA LYS A 10 25.75 -32.80 -13.89
C LYS A 10 24.78 -31.69 -13.46
N ALA A 11 24.34 -31.75 -12.20
CA ALA A 11 23.53 -30.69 -11.61
C ALA A 11 23.97 -30.51 -10.18
N ALA A 12 23.57 -29.38 -9.59
CA ALA A 12 23.90 -29.12 -8.21
C ALA A 12 22.64 -29.46 -7.42
N VAL A 13 22.66 -30.62 -6.76
CA VAL A 13 21.49 -31.10 -6.01
C VAL A 13 21.56 -30.69 -4.53
N LEU A 14 20.46 -30.18 -3.99
CA LEU A 14 20.43 -29.83 -2.59
C LEU A 14 19.58 -30.88 -1.90
N TRP A 15 20.24 -31.78 -1.19
CA TRP A 15 19.54 -32.89 -0.58
C TRP A 15 18.91 -32.52 0.73
N GLU A 16 19.46 -31.50 1.39
CA GLU A 16 19.08 -31.17 2.76
C GLU A 16 19.36 -29.71 3.04
N GLU A 17 18.57 -29.08 3.89
CA GLU A 17 18.81 -27.68 4.28
C GLU A 17 20.15 -27.53 4.94
N LYS A 18 20.75 -26.36 4.81
CA LYS A 18 22.00 -25.98 5.47
C LYS A 18 23.21 -26.85 5.11
N LYS A 19 23.16 -27.47 3.95
CA LYS A 19 24.31 -28.25 3.51
C LYS A 19 24.77 -27.69 2.15
N PRO A 20 26.04 -27.93 1.82
CA PRO A 20 26.58 -27.59 0.49
C PRO A 20 25.83 -28.34 -0.55
N PHE A 21 25.79 -27.77 -1.76
CA PHE A 21 25.21 -28.45 -2.87
C PHE A 21 26.09 -29.60 -3.26
N SER A 22 25.46 -30.66 -3.78
CA SER A 22 26.17 -31.82 -4.29
C SER A 22 26.19 -31.85 -5.80
N ILE A 23 27.37 -31.65 -6.39
CA ILE A 23 27.45 -31.67 -7.85
C ILE A 23 27.57 -33.10 -8.27
N GLU A 24 26.55 -33.63 -8.94
CA GLU A 24 26.61 -35.02 -9.35
C GLU A 24 25.66 -35.27 -10.52
N GLU A 25 25.73 -36.47 -11.09
CA GLU A 25 24.93 -36.80 -12.26
C GLU A 25 23.45 -36.92 -11.94
N VAL A 26 22.64 -36.34 -12.82
CA VAL A 26 21.20 -36.47 -12.72
C VAL A 26 20.73 -36.92 -14.08
N GLU A 27 19.51 -37.42 -14.12
CA GLU A 27 18.90 -37.81 -15.37
C GLU A 27 17.82 -36.78 -15.64
N VAL A 28 17.83 -36.22 -16.85
CA VAL A 28 16.84 -35.24 -17.26
C VAL A 28 16.00 -35.82 -18.40
N ALA A 29 14.72 -35.95 -18.11
CA ALA A 29 13.76 -36.52 -19.04
C ALA A 29 13.55 -35.59 -20.18
N PRO A 30 13.14 -36.12 -21.33
CA PRO A 30 12.80 -35.31 -22.49
C PRO A 30 11.53 -34.51 -22.20
N PRO A 31 11.36 -33.40 -22.91
CA PRO A 31 10.19 -32.55 -22.71
C PRO A 31 8.89 -33.14 -23.17
N LYS A 32 7.85 -33.03 -22.33
CA LYS A 32 6.52 -33.49 -22.75
C LYS A 32 5.85 -32.37 -23.50
N ALA A 33 4.58 -32.56 -23.85
CA ALA A 33 3.86 -31.52 -24.59
C ALA A 33 4.04 -30.13 -23.90
N HIS A 34 4.26 -29.09 -24.70
CA HIS A 34 4.38 -27.72 -24.19
C HIS A 34 5.50 -27.55 -23.18
N GLU A 35 6.52 -28.40 -23.30
CA GLU A 35 7.72 -28.24 -22.44
C GLU A 35 8.93 -27.99 -23.27
N VAL A 36 9.97 -27.47 -22.65
CA VAL A 36 11.16 -27.09 -23.39
C VAL A 36 12.38 -27.53 -22.61
N ARG A 37 13.32 -28.20 -23.27
CA ARG A 37 14.52 -28.66 -22.57
C ARG A 37 15.69 -27.72 -22.97
N ILE A 38 16.39 -27.18 -21.99
CA ILE A 38 17.38 -26.12 -22.23
C ILE A 38 18.78 -26.52 -21.78
N LYS A 39 19.78 -26.31 -22.63
CA LYS A 39 21.16 -26.52 -22.19
C LYS A 39 21.58 -25.19 -21.54
N MET A 40 21.97 -25.23 -20.28
CA MET A 40 22.27 -23.97 -19.62
C MET A 40 23.65 -23.45 -20.00
N VAL A 41 23.77 -22.12 -20.07
CA VAL A 41 25.05 -21.50 -20.41
C VAL A 41 25.61 -20.71 -19.23
N ALA A 42 24.75 -19.99 -18.52
CA ALA A 42 25.22 -19.19 -17.38
C ALA A 42 24.07 -19.08 -16.38
N THR A 43 24.40 -19.06 -15.09
CA THR A 43 23.34 -18.82 -14.09
C THR A 43 23.93 -17.98 -12.98
N GLY A 44 23.13 -17.11 -12.38
CA GLY A 44 23.66 -16.28 -11.33
C GLY A 44 23.26 -16.89 -10.00
N ILE A 45 24.04 -16.59 -8.97
CA ILE A 45 23.69 -16.96 -7.61
C ILE A 45 22.94 -15.79 -6.94
N CYS A 46 21.62 -15.97 -6.70
CA CYS A 46 20.75 -14.93 -6.11
C CYS A 46 20.53 -15.28 -4.60
N ARG A 47 20.35 -14.24 -3.80
CA ARG A 47 20.08 -14.45 -2.37
C ARG A 47 18.94 -15.42 -2.17
N SER A 48 17.93 -15.39 -3.05
CA SER A 48 16.81 -16.32 -2.86
C SER A 48 17.25 -17.79 -2.86
N ASP A 49 18.23 -18.14 -3.72
CA ASP A 49 18.71 -19.50 -3.72
C ASP A 49 19.35 -19.86 -2.38
N ASP A 50 20.05 -18.91 -1.79
CA ASP A 50 20.63 -19.13 -0.47
C ASP A 50 19.55 -19.23 0.61
N GLN A 51 18.47 -18.47 0.47
CA GLN A 51 17.33 -18.57 1.41
C GLN A 51 16.72 -19.99 1.35
N VAL A 52 16.75 -20.64 0.18
CA VAL A 52 16.30 -22.03 0.10
C VAL A 52 17.23 -22.91 0.95
N VAL A 53 18.54 -22.70 0.83
CA VAL A 53 19.49 -23.49 1.61
C VAL A 53 19.27 -23.23 3.10
N SER A 54 19.10 -21.97 3.49
CA SER A 54 18.88 -21.59 4.89
C SER A 54 17.55 -22.08 5.45
N GLY A 55 16.62 -22.38 4.57
CA GLY A 55 15.31 -22.77 4.99
C GLY A 55 14.40 -21.60 5.27
N THR A 56 14.83 -20.35 5.02
CA THR A 56 13.96 -19.18 5.23
C THR A 56 12.97 -19.04 4.07
N LEU A 57 13.33 -19.60 2.91
CA LEU A 57 12.43 -19.65 1.79
C LEU A 57 12.17 -21.12 1.59
N VAL A 58 10.90 -21.51 1.77
CA VAL A 58 10.54 -22.90 1.79
C VAL A 58 10.06 -23.41 0.46
N THR A 59 10.68 -24.50 0.02
CA THR A 59 10.22 -25.21 -1.15
C THR A 59 10.67 -26.64 -0.92
N PRO A 60 9.94 -27.60 -1.47
CA PRO A 60 10.25 -29.03 -1.24
C PRO A 60 11.65 -29.47 -1.61
N LEU A 61 12.33 -30.17 -0.68
CA LEU A 61 13.61 -30.86 -0.96
C LEU A 61 13.39 -32.37 -1.13
N PRO A 62 14.28 -33.06 -1.80
CA PRO A 62 15.53 -32.47 -2.33
C PRO A 62 15.17 -31.65 -3.59
N VAL A 63 16.05 -30.73 -4.03
CA VAL A 63 15.65 -29.83 -5.12
C VAL A 63 16.88 -29.41 -5.94
N ILE A 64 16.64 -29.08 -7.22
CA ILE A 64 17.64 -28.39 -8.01
C ILE A 64 17.21 -26.92 -8.04
N ALA A 65 18.01 -26.07 -7.39
CA ALA A 65 17.64 -24.67 -7.23
C ALA A 65 18.20 -23.96 -8.41
N GLY A 66 18.25 -22.64 -8.32
CA GLY A 66 18.68 -21.81 -9.42
C GLY A 66 17.48 -21.29 -10.18
N HIS A 67 17.48 -19.99 -10.42
CA HIS A 67 16.39 -19.41 -11.16
C HIS A 67 16.75 -18.21 -12.01
N GLU A 68 17.98 -17.70 -11.89
CA GLU A 68 18.44 -16.56 -12.70
C GLU A 68 19.43 -17.11 -13.73
N ALA A 69 19.03 -17.26 -15.00
CA ALA A 69 19.89 -17.97 -15.93
C ALA A 69 19.58 -17.66 -17.39
N ALA A 70 20.44 -18.12 -18.28
CA ALA A 70 20.22 -18.10 -19.69
C ALA A 70 20.83 -19.31 -20.33
N GLY A 71 20.23 -19.73 -21.44
CA GLY A 71 20.78 -20.90 -22.08
C GLY A 71 20.29 -21.03 -23.51
N ILE A 72 20.41 -22.23 -24.07
CA ILE A 72 20.07 -22.47 -25.48
C ILE A 72 19.14 -23.67 -25.58
N VAL A 73 18.01 -23.51 -26.26
CA VAL A 73 17.05 -24.63 -26.38
C VAL A 73 17.69 -25.86 -27.03
N GLU A 74 17.60 -27.00 -26.34
CA GLU A 74 18.12 -28.26 -26.85
C GLU A 74 16.99 -28.97 -27.62
N SER A 75 15.78 -29.01 -27.05
CA SER A 75 14.65 -29.63 -27.77
C SER A 75 13.33 -29.09 -27.27
N ILE A 76 12.28 -29.24 -28.06
CA ILE A 76 10.95 -28.83 -27.64
C ILE A 76 9.99 -29.96 -27.70
N GLY A 77 9.08 -29.97 -26.74
CA GLY A 77 7.98 -30.92 -26.70
C GLY A 77 6.94 -30.59 -27.76
N GLU A 78 6.00 -31.51 -27.89
CA GLU A 78 4.95 -31.36 -28.87
C GLU A 78 4.11 -30.09 -28.62
N GLY A 79 3.81 -29.31 -29.64
CA GLY A 79 2.91 -28.17 -29.45
C GLY A 79 3.56 -26.84 -29.08
N VAL A 80 4.87 -26.87 -28.83
CA VAL A 80 5.60 -25.63 -28.50
C VAL A 80 5.70 -24.75 -29.74
N THR A 81 5.38 -23.47 -29.59
CA THR A 81 5.36 -22.54 -30.72
C THR A 81 6.19 -21.29 -30.52
N THR A 82 6.65 -21.07 -29.29
CA THR A 82 7.32 -19.79 -29.02
C THR A 82 8.83 -19.85 -29.01
N VAL A 83 9.40 -21.03 -28.91
CA VAL A 83 10.86 -21.20 -29.03
C VAL A 83 11.14 -22.40 -29.92
N ARG A 84 12.38 -22.47 -30.42
CA ARG A 84 12.82 -23.58 -31.25
C ARG A 84 14.24 -24.01 -30.80
N PRO A 85 14.63 -25.24 -31.09
CA PRO A 85 15.99 -25.70 -30.76
C PRO A 85 17.02 -24.71 -31.34
N GLY A 86 18.08 -24.43 -30.56
CA GLY A 86 19.06 -23.41 -30.91
C GLY A 86 18.76 -21.97 -30.52
N ASP A 87 17.52 -21.69 -30.12
CA ASP A 87 17.24 -20.31 -29.68
C ASP A 87 17.89 -20.04 -28.31
N LYS A 88 18.32 -18.81 -28.10
CA LYS A 88 18.77 -18.37 -26.78
C LYS A 88 17.54 -18.02 -25.97
N VAL A 89 17.53 -18.39 -24.70
CA VAL A 89 16.32 -18.22 -23.91
C VAL A 89 16.68 -17.90 -22.48
N ILE A 90 15.75 -17.27 -21.78
CA ILE A 90 15.88 -17.04 -20.33
C ILE A 90 14.64 -17.70 -19.67
N PRO A 91 14.87 -18.62 -18.75
CA PRO A 91 13.77 -19.23 -18.01
C PRO A 91 13.10 -18.17 -17.12
N LEU A 92 11.80 -18.29 -16.90
CA LEU A 92 11.04 -17.25 -16.18
C LEU A 92 10.52 -17.80 -14.85
N PHE A 93 11.05 -17.32 -13.75
CA PHE A 93 10.60 -17.93 -12.46
C PHE A 93 9.19 -17.52 -12.09
N THR A 94 8.71 -16.42 -12.67
CA THR A 94 7.30 -16.06 -12.65
C THR A 94 6.83 -16.30 -14.07
N PRO A 95 5.92 -17.26 -14.28
CA PRO A 95 5.48 -17.60 -15.65
C PRO A 95 4.59 -16.52 -16.22
N GLN A 96 4.22 -16.67 -17.48
CA GLN A 96 3.21 -15.77 -18.05
C GLN A 96 2.33 -16.64 -18.97
N CYS A 97 1.25 -17.17 -18.41
CA CYS A 97 0.42 -18.10 -19.19
C CYS A 97 -0.39 -17.37 -20.26
N GLY A 98 -0.59 -16.09 -20.04
CA GLY A 98 -1.32 -15.22 -20.96
C GLY A 98 -2.81 -15.44 -20.96
N LYS A 99 -3.30 -16.37 -20.16
CA LYS A 99 -4.71 -16.71 -20.14
C LYS A 99 -5.45 -16.36 -18.85
N CYS A 100 -4.74 -16.35 -17.71
CA CYS A 100 -5.41 -16.19 -16.43
C CYS A 100 -5.82 -14.75 -16.19
N ARG A 101 -6.59 -14.53 -15.11
CA ARG A 101 -7.06 -13.18 -14.86
C ARG A 101 -5.95 -12.15 -14.65
N VAL A 102 -4.86 -12.62 -14.05
CA VAL A 102 -3.75 -11.74 -13.76
C VAL A 102 -3.03 -11.46 -15.04
N CYS A 103 -2.74 -12.48 -15.84
CA CYS A 103 -2.09 -12.22 -17.15
C CYS A 103 -2.87 -11.24 -18.02
N LYS A 104 -4.20 -11.26 -17.90
CA LYS A 104 -5.05 -10.38 -18.72
C LYS A 104 -5.17 -8.98 -18.15
N HIS A 105 -4.74 -8.79 -16.89
CA HIS A 105 -4.90 -7.48 -16.27
C HIS A 105 -3.77 -6.55 -16.69
N PRO A 106 -4.06 -5.28 -16.96
CA PRO A 106 -3.01 -4.38 -17.48
C PRO A 106 -1.83 -4.23 -16.54
N GLU A 107 -2.04 -4.36 -15.24
CA GLU A 107 -0.94 -4.13 -14.31
C GLU A 107 -0.33 -5.40 -13.69
N GLY A 108 -1.12 -6.45 -13.54
CA GLY A 108 -0.65 -7.64 -12.79
C GLY A 108 0.39 -8.44 -13.56
N ASN A 109 1.26 -9.12 -12.80
CA ASN A 109 2.27 -9.99 -13.42
C ASN A 109 2.41 -11.30 -12.69
N PHE A 110 1.79 -11.42 -11.50
CA PHE A 110 2.00 -12.66 -10.69
C PHE A 110 1.05 -13.73 -11.19
N CYS A 111 1.38 -14.31 -12.32
CA CYS A 111 0.47 -15.27 -13.00
C CYS A 111 0.07 -16.41 -12.09
N LEU A 112 -1.21 -16.81 -12.16
CA LEU A 112 -1.76 -17.83 -11.27
C LEU A 112 -1.13 -19.23 -11.44
N LYS A 113 -0.33 -19.44 -12.50
CA LYS A 113 0.40 -20.72 -12.68
C LYS A 113 1.76 -20.76 -11.94
N ASN A 114 2.07 -19.68 -11.21
CA ASN A 114 3.34 -19.60 -10.47
C ASN A 114 3.43 -20.73 -9.46
N ASP A 115 4.67 -21.08 -9.09
CA ASP A 115 4.92 -22.15 -8.10
C ASP A 115 5.53 -21.53 -6.87
N LEU A 116 5.25 -20.25 -6.67
CA LEU A 116 5.81 -19.49 -5.57
C LEU A 116 4.85 -19.42 -4.39
N SER A 117 3.55 -19.19 -4.62
CA SER A 117 2.65 -19.04 -3.46
C SER A 117 2.50 -20.31 -2.62
N MET A 118 2.37 -21.45 -3.30
CA MET A 118 2.18 -22.74 -2.59
C MET A 118 3.07 -23.72 -3.31
N PRO A 119 4.35 -23.64 -3.06
CA PRO A 119 5.34 -24.34 -3.91
C PRO A 119 5.16 -25.84 -3.90
N ARG A 120 5.14 -26.48 -5.07
CA ARG A 120 5.02 -27.94 -5.14
C ARG A 120 6.36 -28.48 -5.61
N GLY A 121 7.17 -27.64 -6.26
CA GLY A 121 8.45 -28.09 -6.79
C GLY A 121 8.30 -29.07 -7.94
N THR A 122 7.35 -28.84 -8.85
CA THR A 122 7.21 -29.72 -10.00
C THR A 122 7.07 -28.90 -11.23
N MET A 123 6.87 -29.59 -12.35
CA MET A 123 6.44 -28.99 -13.61
C MET A 123 4.95 -28.64 -13.47
N GLN A 124 4.37 -27.96 -14.46
CA GLN A 124 2.92 -27.65 -14.38
C GLN A 124 2.05 -28.91 -14.17
N ASP A 125 2.46 -30.03 -14.75
CA ASP A 125 1.67 -31.27 -14.63
C ASP A 125 1.81 -32.04 -13.30
N GLY A 126 2.50 -31.48 -12.32
CA GLY A 126 2.61 -32.12 -11.01
C GLY A 126 3.67 -33.19 -10.85
N THR A 127 4.49 -33.33 -11.87
CA THR A 127 5.56 -34.30 -11.82
C THR A 127 6.94 -33.66 -12.04
N SER A 128 7.96 -34.46 -11.81
CA SER A 128 9.38 -34.06 -11.99
C SER A 128 10.05 -34.66 -13.21
N ARG A 129 10.96 -33.88 -13.80
CA ARG A 129 11.74 -34.36 -14.94
C ARG A 129 13.13 -34.74 -14.50
N PHE A 130 13.40 -34.69 -13.21
CA PHE A 130 14.76 -34.95 -12.71
C PHE A 130 14.83 -36.22 -11.83
N THR A 131 15.87 -37.01 -12.08
CA THR A 131 16.14 -38.20 -11.26
C THR A 131 17.61 -38.16 -10.88
N CYS A 132 17.92 -38.45 -9.61
CA CYS A 132 19.29 -38.54 -9.12
C CYS A 132 19.39 -39.70 -8.12
N ARG A 133 20.37 -40.57 -8.30
CA ARG A 133 20.53 -41.79 -7.45
C ARG A 133 19.22 -42.56 -7.48
N GLY A 134 18.55 -42.49 -8.63
CA GLY A 134 17.26 -43.12 -8.83
C GLY A 134 16.08 -42.55 -8.08
N LYS A 135 16.24 -41.39 -7.44
CA LYS A 135 15.14 -40.76 -6.71
C LYS A 135 14.69 -39.50 -7.48
N PRO A 136 13.41 -39.15 -7.46
CA PRO A 136 12.93 -37.93 -8.09
C PRO A 136 13.43 -36.73 -7.33
N ILE A 137 13.82 -35.68 -8.06
CA ILE A 137 14.26 -34.43 -7.47
C ILE A 137 13.31 -33.31 -7.87
N HIS A 138 13.05 -32.42 -6.91
CA HIS A 138 12.07 -31.35 -7.11
C HIS A 138 12.68 -30.27 -7.99
N HIS A 139 11.82 -29.60 -8.73
CA HIS A 139 12.15 -28.36 -9.45
C HIS A 139 12.02 -27.19 -8.49
N PHE A 140 12.47 -26.01 -8.94
CA PHE A 140 12.34 -24.83 -8.13
C PHE A 140 11.80 -23.69 -9.02
N LEU A 141 10.64 -23.16 -8.62
CA LEU A 141 9.94 -22.07 -9.31
C LEU A 141 9.84 -22.37 -10.79
N GLY A 142 9.67 -23.65 -11.13
CA GLY A 142 9.53 -24.01 -12.52
C GLY A 142 10.76 -23.66 -13.38
N THR A 143 11.93 -23.51 -12.75
CA THR A 143 13.14 -23.18 -13.51
C THR A 143 14.27 -24.18 -13.29
N SER A 144 14.80 -24.27 -12.07
CA SER A 144 15.86 -25.22 -11.75
C SER A 144 17.06 -25.05 -12.67
N THR A 145 17.81 -23.98 -12.46
CA THR A 145 18.88 -23.65 -13.38
C THR A 145 20.24 -24.09 -12.98
N PHE A 146 20.39 -24.69 -11.77
CA PHE A 146 21.71 -25.17 -11.35
C PHE A 146 21.90 -26.57 -11.93
N SER A 147 21.85 -26.71 -13.25
CA SER A 147 21.98 -28.03 -13.91
C SER A 147 22.39 -27.74 -15.34
N GLN A 148 23.21 -28.61 -15.91
CA GLN A 148 23.63 -28.43 -17.28
C GLN A 148 22.45 -28.41 -18.24
N TYR A 149 21.37 -29.14 -17.89
CA TYR A 149 20.14 -29.13 -18.65
C TYR A 149 18.95 -29.05 -17.71
N THR A 150 17.90 -28.35 -18.12
CA THR A 150 16.71 -28.35 -17.31
C THR A 150 15.54 -28.47 -18.23
N VAL A 151 14.36 -28.73 -17.68
CA VAL A 151 13.17 -28.71 -18.51
C VAL A 151 12.17 -27.75 -17.90
N VAL A 152 11.60 -26.88 -18.70
CA VAL A 152 10.64 -25.91 -18.18
C VAL A 152 9.38 -25.91 -18.99
N ASP A 153 8.28 -25.51 -18.36
CA ASP A 153 7.07 -25.31 -19.14
C ASP A 153 7.23 -24.14 -20.11
N GLU A 154 6.52 -24.21 -21.25
CA GLU A 154 6.62 -23.14 -22.25
C GLU A 154 6.27 -21.77 -21.67
N ILE A 155 5.32 -21.74 -20.77
CA ILE A 155 4.94 -20.45 -20.19
C ILE A 155 6.01 -19.89 -19.28
N SER A 156 7.07 -20.67 -19.00
CA SER A 156 8.16 -20.22 -18.16
C SER A 156 9.45 -20.04 -18.93
N VAL A 157 9.36 -19.72 -20.22
CA VAL A 157 10.59 -19.45 -20.93
C VAL A 157 10.35 -18.37 -22.00
N ALA A 158 11.36 -17.53 -22.23
CA ALA A 158 11.27 -16.48 -23.22
C ALA A 158 12.42 -16.57 -24.19
N LYS A 159 12.11 -16.44 -25.48
CA LYS A 159 13.15 -16.38 -26.49
C LYS A 159 13.76 -14.97 -26.49
N ILE A 160 15.09 -14.90 -26.55
CA ILE A 160 15.80 -13.62 -26.57
C ILE A 160 16.70 -13.48 -27.81
N ASP A 161 17.14 -12.26 -28.04
CA ASP A 161 18.03 -11.92 -29.20
C ASP A 161 19.13 -12.96 -29.38
N ALA A 162 19.28 -13.48 -30.61
CA ALA A 162 20.28 -14.50 -30.83
C ALA A 162 21.74 -14.04 -30.64
N ALA A 163 21.99 -12.74 -30.62
CA ALA A 163 23.35 -12.26 -30.39
C ALA A 163 23.65 -11.87 -28.93
N SER A 164 22.71 -12.13 -28.01
CA SER A 164 22.84 -11.76 -26.61
C SER A 164 23.98 -12.48 -25.92
N PRO A 165 24.76 -11.74 -25.13
CA PRO A 165 25.81 -12.35 -24.31
C PRO A 165 25.18 -13.01 -23.10
N LEU A 166 25.00 -14.33 -23.19
CA LEU A 166 24.31 -15.02 -22.12
C LEU A 166 24.92 -14.92 -20.73
N GLU A 167 26.24 -14.74 -20.62
CA GLU A 167 26.85 -14.62 -19.31
C GLU A 167 26.58 -13.28 -18.62
N LYS A 168 25.97 -12.33 -19.35
CA LYS A 168 25.56 -11.07 -18.71
C LYS A 168 24.02 -11.00 -18.61
N VAL A 169 23.32 -11.40 -19.67
CA VAL A 169 21.88 -11.18 -19.68
C VAL A 169 21.10 -12.13 -18.75
N CYS A 170 21.75 -13.15 -18.21
CA CYS A 170 21.02 -13.98 -17.25
C CYS A 170 20.51 -13.13 -16.12
N LEU A 171 21.18 -12.01 -15.81
CA LEU A 171 20.69 -11.14 -14.73
C LEU A 171 19.28 -10.57 -15.01
N ILE A 172 18.91 -10.50 -16.28
CA ILE A 172 17.58 -10.03 -16.63
C ILE A 172 16.54 -11.06 -16.22
N GLY A 173 17.01 -12.26 -15.90
CA GLY A 173 16.09 -13.33 -15.45
C GLY A 173 15.75 -13.19 -13.98
N CYS A 174 16.45 -12.29 -13.28
CA CYS A 174 16.01 -12.01 -11.91
C CYS A 174 16.44 -10.67 -11.32
N GLY A 175 17.71 -10.61 -10.91
CA GLY A 175 18.26 -9.47 -10.13
C GLY A 175 18.02 -8.09 -10.75
N PHE A 176 18.49 -7.92 -11.97
CA PHE A 176 18.37 -6.62 -12.62
C PHE A 176 16.90 -6.25 -12.83
N SER A 177 16.11 -7.14 -13.42
CA SER A 177 14.74 -6.75 -13.74
C SER A 177 13.91 -6.46 -12.51
N THR A 178 14.12 -7.26 -11.49
CA THR A 178 13.34 -7.07 -10.28
C THR A 178 13.59 -5.69 -9.67
N GLY A 179 14.87 -5.34 -9.55
CA GLY A 179 15.17 -4.05 -8.94
C GLY A 179 14.73 -2.89 -9.82
N TYR A 180 15.08 -2.98 -11.08
CA TYR A 180 14.83 -1.88 -12.01
C TYR A 180 13.33 -1.68 -12.14
N GLY A 181 12.57 -2.76 -12.32
CA GLY A 181 11.14 -2.63 -12.43
C GLY A 181 10.49 -2.16 -11.13
N SER A 182 11.02 -2.60 -9.98
CA SER A 182 10.46 -2.08 -8.71
C SER A 182 10.46 -0.55 -8.66
N ALA A 183 11.47 0.06 -9.25
CA ALA A 183 11.57 1.51 -9.29
C ALA A 183 10.70 2.10 -10.37
N VAL A 184 10.90 1.65 -11.59
CA VAL A 184 10.19 2.28 -12.72
C VAL A 184 8.76 1.85 -12.95
N LYS A 185 8.38 0.64 -12.59
CA LYS A 185 7.04 0.17 -12.89
C LYS A 185 6.15 0.12 -11.66
N VAL A 186 6.70 -0.39 -10.57
CA VAL A 186 5.92 -0.56 -9.34
C VAL A 186 5.77 0.72 -8.52
N ALA A 187 6.89 1.30 -8.12
CA ALA A 187 6.84 2.56 -7.38
C ALA A 187 6.46 3.73 -8.36
N LYS A 188 6.88 3.64 -9.62
CA LYS A 188 6.69 4.75 -10.60
C LYS A 188 7.39 6.00 -10.09
N VAL A 189 8.66 5.84 -9.77
CA VAL A 189 9.47 6.94 -9.25
C VAL A 189 9.36 8.16 -10.23
N THR A 190 9.17 9.34 -9.67
CA THR A 190 9.02 10.56 -10.49
C THR A 190 10.28 11.41 -10.58
N GLN A 191 10.33 12.24 -11.63
CA GLN A 191 11.43 13.16 -11.78
C GLN A 191 11.52 14.14 -10.60
N GLY A 192 12.71 14.27 -10.05
CA GLY A 192 13.03 15.22 -8.99
C GLY A 192 12.75 14.72 -7.58
N SER A 193 12.32 13.46 -7.47
CA SER A 193 11.97 12.90 -6.18
C SER A 193 13.18 12.47 -5.34
N THR A 194 12.91 12.16 -4.08
CA THR A 194 13.91 11.62 -3.16
C THR A 194 13.53 10.15 -2.86
N CYS A 195 14.49 9.25 -3.04
CA CYS A 195 14.23 7.82 -2.90
C CYS A 195 15.19 7.34 -1.83
N ALA A 196 14.76 6.34 -1.07
CA ALA A 196 15.65 5.67 -0.14
C ALA A 196 15.62 4.19 -0.48
N VAL A 197 16.79 3.57 -0.59
CA VAL A 197 16.90 2.15 -0.93
C VAL A 197 17.60 1.38 0.19
N PHE A 198 16.84 0.51 0.87
CA PHE A 198 17.39 -0.34 1.94
C PHE A 198 17.90 -1.63 1.38
N GLY A 199 19.24 -1.81 1.42
CA GLY A 199 19.85 -3.02 0.88
C GLY A 199 20.52 -2.67 -0.43
N LEU A 200 21.86 -2.75 -0.45
CA LEU A 200 22.63 -2.42 -1.66
C LEU A 200 23.36 -3.62 -2.29
N GLY A 201 22.71 -4.79 -2.26
CA GLY A 201 23.22 -5.88 -3.07
C GLY A 201 22.75 -5.76 -4.50
N GLY A 202 22.83 -6.86 -5.24
CA GLY A 202 22.50 -6.89 -6.65
C GLY A 202 21.15 -6.26 -6.95
N VAL A 203 20.12 -6.67 -6.20
CA VAL A 203 18.80 -6.10 -6.48
C VAL A 203 18.69 -4.65 -6.08
N GLY A 204 19.27 -4.27 -4.92
CA GLY A 204 19.18 -2.86 -4.51
C GLY A 204 19.93 -1.94 -5.46
N LEU A 205 21.02 -2.44 -6.06
CA LEU A 205 21.75 -1.64 -7.02
C LEU A 205 20.89 -1.44 -8.25
N SER A 206 20.09 -2.46 -8.56
CA SER A 206 19.19 -2.37 -9.69
C SER A 206 18.05 -1.41 -9.43
N VAL A 207 17.62 -1.33 -8.17
CA VAL A 207 16.60 -0.36 -7.84
C VAL A 207 17.19 1.07 -7.98
N ILE A 208 18.46 1.23 -7.58
CA ILE A 208 19.13 2.52 -7.75
C ILE A 208 19.20 2.88 -9.24
N MET A 209 19.59 1.92 -10.07
CA MET A 209 19.60 2.17 -11.50
C MET A 209 18.25 2.68 -12.02
N GLY A 210 17.17 2.04 -11.55
CA GLY A 210 15.82 2.44 -11.96
C GLY A 210 15.44 3.83 -11.44
N CYS A 211 15.80 4.12 -10.19
CA CYS A 211 15.54 5.43 -9.66
C CYS A 211 16.26 6.53 -10.45
N LYS A 212 17.49 6.28 -10.79
CA LYS A 212 18.28 7.23 -11.57
C LYS A 212 17.67 7.37 -12.96
N ALA A 213 17.30 6.25 -13.56
CA ALA A 213 16.67 6.30 -14.88
C ALA A 213 15.40 7.10 -14.86
N ALA A 214 14.68 7.01 -13.76
CA ALA A 214 13.42 7.72 -13.63
C ALA A 214 13.62 9.19 -13.33
N GLY A 215 14.84 9.62 -13.08
CA GLY A 215 15.07 11.01 -12.84
C GLY A 215 15.03 11.49 -11.39
N ALA A 216 15.12 10.57 -10.40
CA ALA A 216 15.17 11.01 -9.00
C ALA A 216 16.30 12.01 -8.79
N ALA A 217 16.04 13.01 -7.97
CA ALA A 217 17.07 13.98 -7.63
C ALA A 217 17.98 13.49 -6.54
N ARG A 218 17.45 12.72 -5.58
CA ARG A 218 18.28 12.20 -4.50
C ARG A 218 17.96 10.72 -4.35
N ILE A 219 19.02 9.95 -4.19
CA ILE A 219 18.85 8.51 -4.01
C ILE A 219 19.73 8.12 -2.85
N ILE A 220 19.10 7.82 -1.72
CA ILE A 220 19.82 7.53 -0.51
C ILE A 220 19.96 6.00 -0.27
N GLY A 221 21.17 5.48 -0.37
CA GLY A 221 21.46 4.06 -0.15
C GLY A 221 21.57 3.80 1.34
N VAL A 222 21.04 2.68 1.81
CA VAL A 222 21.05 2.36 3.22
C VAL A 222 21.55 0.94 3.35
N ASP A 223 22.66 0.74 4.06
CA ASP A 223 23.14 -0.63 4.24
C ASP A 223 24.05 -0.69 5.46
N ILE A 224 24.07 -1.83 6.16
CA ILE A 224 24.94 -1.96 7.33
C ILE A 224 26.36 -2.33 6.95
N ASN A 225 26.57 -2.69 5.69
CA ASN A 225 27.88 -3.02 5.17
C ASN A 225 28.43 -1.84 4.37
N LYS A 226 29.30 -1.01 4.95
CA LYS A 226 29.74 0.18 4.20
C LYS A 226 30.57 -0.12 2.95
N ASP A 227 31.00 -1.36 2.80
CA ASP A 227 31.77 -1.71 1.63
C ASP A 227 30.91 -1.62 0.35
N ARG A 228 29.58 -1.56 0.53
CA ARG A 228 28.67 -1.50 -0.62
C ARG A 228 28.49 -0.10 -1.15
N PHE A 229 28.94 0.90 -0.38
CA PHE A 229 28.64 2.30 -0.74
C PHE A 229 29.25 2.78 -2.04
N ALA A 230 30.51 2.43 -2.31
CA ALA A 230 31.16 2.95 -3.51
C ALA A 230 30.38 2.60 -4.74
N LYS A 231 30.06 1.30 -4.87
CA LYS A 231 29.31 0.85 -6.06
C LYS A 231 27.93 1.47 -6.15
N ALA A 232 27.25 1.64 -5.01
CA ALA A 232 25.95 2.27 -5.04
C ALA A 232 26.05 3.68 -5.61
N LYS A 233 27.07 4.42 -5.21
CA LYS A 233 27.24 5.77 -5.75
C LYS A 233 27.59 5.71 -7.21
N GLU A 234 28.38 4.73 -7.58
CA GLU A 234 28.68 4.60 -9.03
C GLU A 234 27.44 4.44 -9.88
N VAL A 235 26.44 3.69 -9.40
CA VAL A 235 25.23 3.48 -10.21
C VAL A 235 24.16 4.51 -9.96
N GLY A 236 24.46 5.51 -9.14
CA GLY A 236 23.54 6.63 -8.97
C GLY A 236 23.13 7.08 -7.56
N ALA A 237 23.53 6.41 -6.50
CA ALA A 237 23.15 6.90 -5.19
C ALA A 237 23.84 8.23 -4.97
N THR A 238 23.16 9.14 -4.30
CA THR A 238 23.73 10.48 -4.04
C THR A 238 24.36 10.55 -2.66
N GLU A 239 23.97 9.64 -1.77
CA GLU A 239 24.38 9.62 -0.39
C GLU A 239 24.17 8.18 0.09
N CYS A 240 25.01 7.72 1.01
CA CYS A 240 24.79 6.40 1.62
C CYS A 240 24.83 6.55 3.13
N VAL A 241 24.03 5.77 3.84
CA VAL A 241 24.00 5.85 5.29
C VAL A 241 24.02 4.46 5.86
N ASN A 242 24.78 4.29 6.93
CA ASN A 242 24.83 3.00 7.64
C ASN A 242 24.07 3.17 8.94
N PRO A 243 22.96 2.46 9.13
CA PRO A 243 22.19 2.63 10.36
C PRO A 243 23.04 2.39 11.61
N GLN A 244 24.10 1.60 11.51
CA GLN A 244 24.88 1.33 12.73
C GLN A 244 25.70 2.53 13.17
N ASP A 245 25.79 3.57 12.34
CA ASP A 245 26.54 4.77 12.71
C ASP A 245 25.72 5.71 13.59
N TYR A 246 24.41 5.49 13.72
CA TYR A 246 23.49 6.42 14.39
C TYR A 246 22.92 5.95 15.70
N LYS A 247 22.68 6.88 16.59
CA LYS A 247 22.06 6.51 17.83
C LYS A 247 20.56 6.39 17.65
N LYS A 248 20.00 7.14 16.72
CA LYS A 248 18.57 7.10 16.60
C LYS A 248 18.15 6.13 15.49
N PRO A 249 16.89 5.73 15.47
CA PRO A 249 16.46 4.77 14.46
C PRO A 249 16.59 5.38 13.06
N ILE A 250 16.88 4.53 12.08
CA ILE A 250 17.14 5.07 10.77
C ILE A 250 15.93 5.77 10.13
N GLN A 251 14.71 5.40 10.48
CA GLN A 251 13.59 6.10 9.85
C GLN A 251 13.58 7.59 10.28
N GLU A 252 14.04 7.84 11.50
CA GLU A 252 14.14 9.23 12.00
C GLU A 252 15.26 9.96 11.25
N VAL A 253 16.40 9.29 11.09
CA VAL A 253 17.49 9.90 10.33
C VAL A 253 17.02 10.22 8.90
N LEU A 254 16.33 9.29 8.27
CA LEU A 254 15.98 9.53 6.86
C LEU A 254 14.91 10.58 6.74
N THR A 255 14.00 10.59 7.70
CA THR A 255 12.95 11.60 7.67
C THR A 255 13.61 12.99 7.82
N GLU A 256 14.59 13.10 8.71
CA GLU A 256 15.37 14.36 8.86
C GLU A 256 16.11 14.80 7.60
N MET A 257 16.89 13.89 7.02
CA MET A 257 17.62 14.14 5.77
C MET A 257 16.75 14.60 4.62
N SER A 258 15.53 14.02 4.55
CA SER A 258 14.63 14.35 3.45
C SER A 258 13.66 15.47 3.80
N ASN A 259 13.93 16.19 4.89
CA ASN A 259 13.05 17.28 5.28
C ASN A 259 11.56 16.92 5.37
N GLY A 260 11.29 15.79 6.03
CA GLY A 260 9.92 15.40 6.31
C GLY A 260 9.55 14.01 5.82
N GLY A 261 10.49 13.31 5.18
CA GLY A 261 10.22 11.97 4.67
C GLY A 261 10.47 11.85 3.19
N VAL A 262 10.80 10.64 2.73
CA VAL A 262 11.15 10.50 1.33
C VAL A 262 9.91 10.29 0.41
N ASP A 263 10.05 10.53 -0.88
CA ASP A 263 8.92 10.27 -1.81
C ASP A 263 8.71 8.78 -2.05
N PHE A 264 9.82 8.06 -2.22
CA PHE A 264 9.78 6.60 -2.45
C PHE A 264 10.79 5.85 -1.64
N SER A 265 10.37 4.78 -0.95
CA SER A 265 11.36 3.90 -0.28
C SER A 265 11.25 2.47 -0.74
N PHE A 266 12.33 1.69 -0.60
CA PHE A 266 12.35 0.34 -1.10
C PHE A 266 13.00 -0.55 -0.11
N GLU A 267 12.35 -1.66 0.26
CA GLU A 267 13.03 -2.61 1.17
C GLU A 267 13.50 -3.71 0.26
N VAL A 268 14.83 -3.88 0.21
CA VAL A 268 15.48 -4.81 -0.67
C VAL A 268 16.44 -5.69 0.12
N ILE A 269 15.98 -6.18 1.26
CA ILE A 269 16.81 -7.02 2.10
C ILE A 269 16.09 -8.32 2.42
N GLY A 270 14.88 -8.20 2.95
CA GLY A 270 14.00 -9.29 3.32
C GLY A 270 13.89 -9.43 4.83
N ARG A 271 13.94 -8.32 5.57
CA ARG A 271 13.75 -8.42 7.00
C ARG A 271 12.43 -7.78 7.41
N LEU A 272 11.77 -8.34 8.42
CA LEU A 272 10.52 -7.74 8.82
C LEU A 272 10.73 -6.34 9.40
N ASP A 273 11.79 -6.14 10.17
CA ASP A 273 11.98 -4.84 10.78
C ASP A 273 12.27 -3.73 9.73
N THR A 274 13.13 -4.02 8.77
CA THR A 274 13.34 -3.04 7.71
C THR A 274 12.13 -2.79 6.82
N MET A 275 11.21 -3.74 6.67
CA MET A 275 10.01 -3.37 5.90
C MET A 275 9.24 -2.25 6.59
N VAL A 276 9.14 -2.35 7.91
CA VAL A 276 8.39 -1.36 8.68
C VAL A 276 9.15 -0.04 8.72
N THR A 277 10.47 -0.11 8.89
CA THR A 277 11.34 1.10 8.88
C THR A 277 11.22 1.84 7.54
N ALA A 278 11.26 1.07 6.45
CA ALA A 278 11.18 1.65 5.13
C ALA A 278 9.82 2.32 4.90
N LEU A 279 8.76 1.71 5.42
CA LEU A 279 7.45 2.29 5.25
C LEU A 279 7.46 3.60 6.03
N SER A 280 7.92 3.51 7.27
CA SER A 280 7.92 4.70 8.11
C SER A 280 8.69 5.88 7.54
N CYS A 281 9.80 5.63 6.85
CA CYS A 281 10.64 6.72 6.37
C CYS A 281 10.07 7.45 5.16
N CYS A 282 9.02 6.91 4.52
CA CYS A 282 8.41 7.67 3.43
C CYS A 282 7.43 8.72 4.00
N GLN A 283 7.20 9.80 3.23
CA GLN A 283 6.47 10.96 3.75
C GLN A 283 5.05 10.49 4.11
N GLU A 284 4.56 10.93 5.27
CA GLU A 284 3.33 10.34 5.83
C GLU A 284 2.05 10.52 5.03
N ALA A 285 2.01 11.60 4.27
CA ALA A 285 0.82 11.92 3.50
C ALA A 285 0.82 11.41 2.05
N TYR A 286 1.97 11.33 1.42
CA TYR A 286 2.01 10.95 0.01
C TYR A 286 3.14 10.01 -0.37
N GLY A 287 3.90 9.57 0.62
CA GLY A 287 4.99 8.64 0.37
C GLY A 287 4.55 7.27 -0.15
N VAL A 288 5.45 6.60 -0.86
CA VAL A 288 5.18 5.24 -1.33
C VAL A 288 6.35 4.36 -0.89
N SER A 289 6.04 3.17 -0.40
CA SER A 289 7.11 2.21 0.01
C SER A 289 6.83 0.89 -0.67
N VAL A 290 7.86 0.31 -1.28
CA VAL A 290 7.70 -0.93 -1.99
C VAL A 290 8.60 -2.01 -1.33
N ILE A 291 7.98 -3.14 -1.00
CA ILE A 291 8.71 -4.26 -0.46
C ILE A 291 9.23 -5.10 -1.62
N VAL A 292 10.54 -5.29 -1.71
CA VAL A 292 11.14 -6.16 -2.73
C VAL A 292 11.76 -7.43 -2.09
N GLY A 293 12.30 -7.24 -0.89
CA GLY A 293 12.94 -8.35 -0.17
C GLY A 293 11.97 -9.48 0.17
N VAL A 294 12.49 -10.70 0.24
CA VAL A 294 11.66 -11.87 0.56
C VAL A 294 11.77 -12.19 2.04
N PRO A 295 10.65 -12.15 2.76
CA PRO A 295 10.65 -12.26 4.21
C PRO A 295 10.83 -13.73 4.64
N PRO A 296 11.17 -13.97 5.90
CA PRO A 296 11.35 -15.36 6.39
C PRO A 296 10.00 -16.08 6.40
N ASP A 297 10.04 -17.35 6.06
CA ASP A 297 8.80 -18.11 5.91
C ASP A 297 7.86 -18.02 7.10
N SER A 298 6.59 -17.77 6.79
CA SER A 298 5.50 -17.79 7.77
C SER A 298 5.60 -16.84 8.95
N GLN A 299 6.41 -15.78 8.88
CA GLN A 299 6.51 -14.86 10.00
C GLN A 299 5.73 -13.58 9.72
N ASN A 300 5.01 -13.06 10.70
CA ASN A 300 4.20 -11.86 10.52
C ASN A 300 4.95 -10.66 11.06
N LEU A 301 4.81 -9.50 10.43
CA LEU A 301 5.36 -8.28 11.02
C LEU A 301 4.30 -7.60 11.88
N SER A 302 4.74 -6.69 12.72
CA SER A 302 3.81 -5.92 13.50
C SER A 302 3.95 -4.43 13.07
N MET A 303 2.83 -3.74 12.87
CA MET A 303 2.91 -2.32 12.50
C MET A 303 1.67 -1.54 12.93
N ASN A 304 1.83 -0.23 13.03
CA ASN A 304 0.74 0.64 13.43
C ASN A 304 0.06 1.17 12.19
N PRO A 305 -1.21 0.82 11.98
CA PRO A 305 -1.93 1.20 10.75
C PRO A 305 -2.11 2.71 10.59
N MET A 306 -1.86 3.48 11.64
CA MET A 306 -1.90 4.92 11.44
C MET A 306 -0.83 5.38 10.43
N LEU A 307 0.19 4.53 10.23
CA LEU A 307 1.24 4.86 9.22
C LEU A 307 0.61 4.93 7.82
N LEU A 308 -0.42 4.12 7.60
CA LEU A 308 -1.11 4.14 6.33
C LEU A 308 -2.24 5.18 6.32
N LEU A 309 -2.95 5.30 7.42
CA LEU A 309 -4.14 6.16 7.42
C LEU A 309 -3.81 7.62 7.06
N SER A 310 -2.59 8.05 7.39
CA SER A 310 -2.18 9.43 7.05
C SER A 310 -2.07 9.66 5.54
N GLY A 311 -1.89 8.58 4.77
CA GLY A 311 -1.84 8.70 3.31
C GLY A 311 -0.78 7.84 2.65
N ARG A 312 0.10 7.19 3.42
CA ARG A 312 1.15 6.36 2.77
C ARG A 312 0.56 5.22 1.94
N THR A 313 1.32 4.82 0.92
CA THR A 313 0.95 3.71 0.07
C THR A 313 2.03 2.65 0.33
N TRP A 314 1.65 1.38 0.57
CA TRP A 314 2.62 0.31 0.79
C TRP A 314 2.29 -0.77 -0.23
N LYS A 315 3.28 -1.25 -0.94
CA LYS A 315 2.99 -2.34 -1.85
C LYS A 315 4.23 -3.21 -2.00
N GLY A 316 4.10 -4.36 -2.67
CA GLY A 316 5.27 -5.20 -2.89
C GLY A 316 5.10 -5.73 -4.31
N ALA A 317 6.12 -6.45 -4.79
CA ALA A 317 5.99 -7.01 -6.16
C ALA A 317 6.99 -8.12 -6.35
N ILE A 318 6.66 -9.04 -7.27
CA ILE A 318 7.55 -10.10 -7.72
C ILE A 318 8.09 -9.66 -9.06
N PHE A 319 9.39 -9.82 -9.25
CA PHE A 319 10.05 -9.62 -10.56
C PHE A 319 9.81 -8.22 -11.11
N GLY A 320 9.81 -7.23 -10.23
CA GLY A 320 9.73 -5.83 -10.72
C GLY A 320 8.39 -5.46 -11.31
N GLY A 321 7.38 -6.28 -11.07
CA GLY A 321 6.08 -6.02 -11.68
C GLY A 321 6.03 -6.37 -13.15
N PHE A 322 7.13 -6.84 -13.72
CA PHE A 322 7.12 -7.14 -15.17
C PHE A 322 6.33 -8.39 -15.59
N LYS A 323 5.46 -8.28 -16.60
CA LYS A 323 4.85 -9.47 -17.20
C LYS A 323 6.06 -10.15 -17.83
N SER A 324 6.36 -11.36 -17.37
CA SER A 324 7.69 -11.88 -17.65
C SER A 324 8.04 -12.22 -19.13
N LYS A 325 7.14 -12.90 -19.82
CA LYS A 325 7.49 -13.37 -21.16
C LYS A 325 7.45 -12.22 -22.15
N ASP A 326 6.55 -11.25 -21.91
CA ASP A 326 6.51 -10.03 -22.72
C ASP A 326 7.75 -9.16 -22.44
N SER A 327 8.17 -9.06 -21.19
CA SER A 327 9.20 -8.08 -20.87
C SER A 327 10.63 -8.50 -21.07
N VAL A 328 10.94 -9.75 -20.79
CA VAL A 328 12.31 -10.21 -20.82
C VAL A 328 12.98 -9.96 -22.14
N PRO A 329 12.34 -10.33 -23.24
CA PRO A 329 12.98 -10.11 -24.55
C PRO A 329 13.16 -8.61 -24.83
N LYS A 330 12.22 -7.78 -24.39
CA LYS A 330 12.36 -6.33 -24.53
C LYS A 330 13.51 -5.80 -23.66
N LEU A 331 13.65 -6.29 -22.42
CA LEU A 331 14.79 -5.87 -21.60
C LEU A 331 16.11 -6.30 -22.26
N VAL A 332 16.18 -7.49 -22.84
CA VAL A 332 17.41 -7.89 -23.50
C VAL A 332 17.69 -6.96 -24.67
N ALA A 333 16.66 -6.69 -25.47
CA ALA A 333 16.88 -5.78 -26.62
C ALA A 333 17.41 -4.42 -26.14
N ASP A 334 16.85 -3.88 -25.05
CA ASP A 334 17.31 -2.61 -24.51
C ASP A 334 18.76 -2.69 -24.02
N PHE A 335 19.11 -3.78 -23.36
CA PHE A 335 20.50 -4.00 -22.99
C PHE A 335 21.44 -3.98 -24.22
N MET A 336 20.99 -4.64 -25.27
CA MET A 336 21.85 -4.74 -26.46
C MET A 336 22.03 -3.32 -27.07
N ALA A 337 21.03 -2.47 -26.87
CA ALA A 337 21.00 -1.08 -27.35
C ALA A 337 21.61 -0.11 -26.30
N LYS A 338 22.26 -0.67 -25.27
CA LYS A 338 22.92 0.13 -24.23
C LYS A 338 22.05 1.07 -23.42
N LYS A 339 20.81 0.70 -23.21
CA LYS A 339 19.89 1.51 -22.42
C LYS A 339 20.17 1.39 -20.91
N PHE A 340 20.82 0.30 -20.48
CA PHE A 340 21.23 0.13 -19.07
C PHE A 340 22.43 -0.77 -19.06
N ALA A 341 23.18 -0.79 -17.96
CA ALA A 341 24.44 -1.58 -17.78
C ALA A 341 24.24 -2.78 -16.82
N LEU A 342 24.83 -3.93 -17.14
CA LEU A 342 24.75 -5.08 -16.24
C LEU A 342 26.09 -5.33 -15.58
N ASP A 343 27.20 -4.89 -16.21
CA ASP A 343 28.51 -5.12 -15.63
C ASP A 343 28.68 -4.68 -14.15
N PRO A 344 28.14 -3.53 -13.73
CA PRO A 344 28.33 -3.10 -12.36
C PRO A 344 27.77 -4.10 -11.38
N LEU A 345 26.85 -4.96 -11.80
CA LEU A 345 26.26 -5.94 -10.88
C LEU A 345 27.14 -7.17 -10.73
N ILE A 346 28.00 -7.41 -11.71
CA ILE A 346 28.71 -8.69 -11.74
C ILE A 346 30.07 -8.47 -11.12
N THR A 347 30.33 -9.14 -10.02
CA THR A 347 31.63 -8.91 -9.35
C THR A 347 32.56 -10.12 -9.41
N HIS A 348 32.02 -11.30 -9.71
CA HIS A 348 32.80 -12.53 -9.71
C HIS A 348 32.26 -13.48 -10.77
N VAL A 349 33.16 -14.26 -11.34
CA VAL A 349 32.76 -15.29 -12.29
C VAL A 349 33.47 -16.62 -11.87
N LEU A 350 32.75 -17.76 -11.95
CA LEU A 350 33.28 -19.06 -11.57
C LEU A 350 32.62 -20.09 -12.50
N PRO A 351 33.30 -21.21 -12.69
CA PRO A 351 32.67 -22.35 -13.37
C PRO A 351 31.60 -22.95 -12.44
N PHE A 352 30.57 -23.53 -13.04
CA PHE A 352 29.45 -24.13 -12.36
C PHE A 352 29.97 -25.09 -11.30
N GLU A 353 31.09 -25.75 -11.61
CA GLU A 353 31.66 -26.73 -10.67
C GLU A 353 32.06 -26.09 -9.33
N LYS A 354 32.28 -24.77 -9.33
CA LYS A 354 32.65 -24.08 -8.10
C LYS A 354 31.46 -23.38 -7.43
N ILE A 355 30.27 -23.87 -7.68
CA ILE A 355 29.05 -23.26 -7.11
C ILE A 355 29.09 -23.11 -5.58
N ASN A 356 29.64 -24.09 -4.87
CA ASN A 356 29.74 -23.86 -3.42
C ASN A 356 30.62 -22.65 -3.07
N GLU A 357 31.78 -22.50 -3.70
CA GLU A 357 32.61 -21.32 -3.49
C GLU A 357 31.78 -20.05 -3.80
N GLY A 358 30.93 -20.16 -4.80
CA GLY A 358 30.09 -19.02 -5.20
C GLY A 358 29.14 -18.65 -4.04
N PHE A 359 28.55 -19.66 -3.43
CA PHE A 359 27.71 -19.40 -2.30
C PHE A 359 28.50 -18.85 -1.11
N ASP A 360 29.73 -19.33 -0.93
CA ASP A 360 30.56 -18.79 0.16
C ASP A 360 30.79 -17.30 -0.09
N LEU A 361 31.06 -16.91 -1.33
CA LEU A 361 31.29 -15.48 -1.59
C LEU A 361 30.06 -14.64 -1.25
N LEU A 362 28.88 -15.16 -1.52
CA LEU A 362 27.69 -14.37 -1.23
C LEU A 362 27.49 -14.27 0.29
N ARG A 363 27.65 -15.39 0.95
CA ARG A 363 27.44 -15.46 2.41
C ARG A 363 28.44 -14.62 3.19
N SER A 364 29.65 -14.52 2.69
CA SER A 364 30.67 -13.71 3.37
C SER A 364 30.44 -12.22 3.14
N GLY A 365 29.57 -11.89 2.21
CA GLY A 365 29.33 -10.52 1.84
C GLY A 365 30.37 -10.03 0.83
N GLU A 366 31.22 -10.91 0.31
CA GLU A 366 32.23 -10.41 -0.62
C GLU A 366 31.69 -10.06 -2.01
N SER A 367 30.75 -10.86 -2.52
CA SER A 367 30.27 -10.68 -3.88
C SER A 367 28.94 -9.91 -3.95
N ILE A 368 28.71 -9.28 -5.07
CA ILE A 368 27.39 -8.74 -5.37
C ILE A 368 26.74 -9.86 -6.17
N ARG A 369 27.17 -10.10 -7.40
CA ARG A 369 26.64 -11.29 -8.08
C ARG A 369 27.79 -12.08 -8.65
N THR A 370 27.76 -13.40 -8.44
CA THR A 370 28.71 -14.27 -9.10
C THR A 370 27.89 -14.95 -10.20
N ILE A 371 28.40 -14.93 -11.42
CA ILE A 371 27.83 -15.69 -12.52
C ILE A 371 28.60 -17.02 -12.72
N LEU A 372 27.85 -18.13 -12.77
CA LEU A 372 28.42 -19.44 -13.00
C LEU A 372 28.29 -19.80 -14.48
N THR A 373 29.39 -20.29 -15.05
CA THR A 373 29.40 -20.74 -16.44
C THR A 373 29.49 -22.26 -16.54
N PHE A 374 28.66 -22.82 -17.40
CA PHE A 374 28.60 -24.27 -17.61
C PHE A 374 29.60 -24.84 -18.60
N SER B 1 -23.79 43.00 17.00
CA SER B 1 -23.23 43.53 18.27
C SER B 1 -22.60 42.42 19.13
N THR B 2 -22.00 41.41 18.49
CA THR B 2 -21.23 40.43 19.23
C THR B 2 -19.78 40.53 18.81
N ALA B 3 -19.53 41.14 17.65
CA ALA B 3 -18.18 41.18 17.09
C ALA B 3 -17.24 41.86 18.06
N GLY B 4 -16.04 41.30 18.21
CA GLY B 4 -15.06 41.81 19.14
C GLY B 4 -15.34 41.57 20.62
N LYS B 5 -16.43 40.90 20.96
CA LYS B 5 -16.73 40.63 22.35
C LYS B 5 -16.77 39.14 22.60
N VAL B 6 -16.58 38.74 23.85
CA VAL B 6 -16.77 37.36 24.28
C VAL B 6 -18.25 37.00 24.13
N ILE B 7 -18.52 35.84 23.56
CA ILE B 7 -19.89 35.36 23.49
C ILE B 7 -20.12 34.30 24.54
N LYS B 8 -21.20 34.43 25.29
CA LYS B 8 -21.60 33.40 26.21
C LYS B 8 -22.65 32.60 25.49
N CYS B 9 -22.46 31.28 25.40
CA CYS B 9 -23.39 30.42 24.65
C CYS B 9 -23.41 29.00 25.15
N LYS B 10 -24.30 28.20 24.56
CA LYS B 10 -24.41 26.84 24.97
C LYS B 10 -23.43 25.95 24.19
N ALA B 11 -22.79 25.01 24.88
CA ALA B 11 -21.90 24.06 24.19
C ALA B 11 -21.95 22.72 24.86
N ALA B 12 -21.55 21.68 24.17
CA ALA B 12 -21.59 20.37 24.76
C ALA B 12 -20.16 20.01 25.15
N VAL B 13 -19.91 19.99 26.46
CA VAL B 13 -18.55 19.84 26.98
C VAL B 13 -18.32 18.42 27.45
N LEU B 14 -17.17 17.85 27.04
CA LEU B 14 -16.78 16.53 27.47
C LEU B 14 -15.69 16.69 28.52
N TRP B 15 -16.08 16.60 29.78
CA TRP B 15 -15.14 16.76 30.89
C TRP B 15 -14.26 15.55 31.13
N GLU B 16 -14.68 14.36 30.70
CA GLU B 16 -14.02 13.10 31.05
C GLU B 16 -14.40 12.01 30.07
N GLU B 17 -13.52 11.02 29.87
CA GLU B 17 -13.87 9.93 28.95
C GLU B 17 -15.02 9.10 29.53
N LYS B 18 -15.81 8.47 28.65
CA LYS B 18 -16.85 7.56 29.11
C LYS B 18 -17.91 8.22 30.01
N LYS B 19 -18.28 9.44 29.66
CA LYS B 19 -19.31 10.20 30.35
C LYS B 19 -20.13 10.95 29.29
N PRO B 20 -21.40 11.19 29.60
CA PRO B 20 -22.26 11.99 28.73
C PRO B 20 -21.71 13.38 28.56
N PHE B 21 -21.99 14.00 27.42
CA PHE B 21 -21.61 15.38 27.27
C PHE B 21 -22.41 16.23 28.25
N SER B 22 -21.79 17.29 28.75
CA SER B 22 -22.47 18.22 29.63
C SER B 22 -22.86 19.45 28.85
N ILE B 23 -24.16 19.65 28.69
CA ILE B 23 -24.66 20.79 27.93
C ILE B 23 -24.77 21.98 28.84
N GLU B 24 -23.87 22.95 28.65
CA GLU B 24 -23.85 24.13 29.50
C GLU B 24 -23.24 25.36 28.85
N GLU B 25 -23.20 26.45 29.62
CA GLU B 25 -22.75 27.68 29.07
C GLU B 25 -21.23 27.73 29.06
N VAL B 26 -20.68 28.19 27.93
CA VAL B 26 -19.24 28.40 27.78
C VAL B 26 -19.02 29.81 27.28
N GLU B 27 -17.78 30.30 27.40
CA GLU B 27 -17.46 31.61 26.91
C GLU B 27 -16.56 31.40 25.69
N VAL B 28 -16.93 32.05 24.62
CA VAL B 28 -16.16 32.02 23.38
C VAL B 28 -15.53 33.36 23.07
N ALA B 29 -14.21 33.37 23.11
CA ALA B 29 -13.43 34.56 22.88
C ALA B 29 -13.59 34.98 21.42
N PRO B 30 -13.45 36.28 21.14
CA PRO B 30 -13.43 36.79 19.77
C PRO B 30 -12.21 36.25 19.02
N PRO B 31 -12.30 36.21 17.70
CA PRO B 31 -11.18 35.71 16.89
C PRO B 31 -10.03 36.66 16.86
N LYS B 32 -8.84 36.10 16.99
CA LYS B 32 -7.58 36.82 16.82
C LYS B 32 -7.20 36.85 15.35
N ALA B 33 -5.99 37.33 15.08
CA ALA B 33 -5.54 37.41 13.70
C ALA B 33 -5.78 36.10 12.96
N HIS B 34 -6.27 36.22 11.76
CA HIS B 34 -6.42 35.02 10.91
C HIS B 34 -7.31 33.94 11.50
N GLU B 35 -8.25 34.36 12.37
CA GLU B 35 -9.23 33.43 12.94
C GLU B 35 -10.63 33.83 12.56
N VAL B 36 -11.53 32.86 12.65
CA VAL B 36 -12.91 33.05 12.22
C VAL B 36 -13.86 32.51 13.28
N ARG B 37 -14.82 33.33 13.71
CA ARG B 37 -15.81 32.84 14.65
C ARG B 37 -17.11 32.53 13.88
N ILE B 38 -17.61 31.34 14.07
CA ILE B 38 -18.77 30.77 13.37
C ILE B 38 -19.97 30.48 14.27
N LYS B 39 -21.15 30.92 13.85
CA LYS B 39 -22.38 30.49 14.52
C LYS B 39 -22.80 29.14 13.88
N MET B 40 -22.83 28.08 14.67
CA MET B 40 -23.14 26.73 14.13
C MET B 40 -24.59 26.58 13.75
N VAL B 41 -24.84 25.93 12.63
CA VAL B 41 -26.25 25.75 12.22
C VAL B 41 -26.63 24.28 12.34
N ALA B 42 -25.72 23.39 11.94
CA ALA B 42 -25.98 21.97 12.02
C ALA B 42 -24.67 21.19 12.20
N THR B 43 -24.70 20.11 12.98
CA THR B 43 -23.52 19.28 13.13
C THR B 43 -23.87 17.78 13.19
N GLY B 44 -23.08 16.93 12.51
CA GLY B 44 -23.36 15.51 12.54
C GLY B 44 -22.65 14.80 13.67
N ILE B 45 -23.14 13.62 14.00
CA ILE B 45 -22.52 12.78 15.00
C ILE B 45 -21.79 11.69 14.21
N CYS B 46 -20.47 11.80 14.24
CA CYS B 46 -19.54 10.92 13.52
C CYS B 46 -18.95 9.94 14.54
N ARG B 47 -18.69 8.73 14.06
CA ARG B 47 -18.14 7.71 14.94
C ARG B 47 -16.87 8.19 15.61
N SER B 48 -16.07 8.97 14.90
CA SER B 48 -14.85 9.53 15.52
C SER B 48 -15.12 10.31 16.81
N ASP B 49 -16.24 11.02 16.87
CA ASP B 49 -16.56 11.76 18.09
C ASP B 49 -16.84 10.80 19.22
N ASP B 50 -17.48 9.68 18.90
CA ASP B 50 -17.74 8.65 19.92
C ASP B 50 -16.44 8.00 20.36
N GLN B 51 -15.52 7.84 19.42
CA GLN B 51 -14.21 7.26 19.77
C GLN B 51 -13.46 8.15 20.75
N VAL B 52 -13.72 9.47 20.72
CA VAL B 52 -13.12 10.40 21.68
C VAL B 52 -13.71 10.16 23.06
N VAL B 53 -15.03 10.03 23.11
CA VAL B 53 -15.70 9.65 24.38
C VAL B 53 -15.19 8.27 24.87
N SER B 54 -15.06 7.31 23.96
CA SER B 54 -14.62 5.95 24.30
C SER B 54 -13.17 5.87 24.79
N GLY B 55 -12.37 6.83 24.39
CA GLY B 55 -10.98 6.81 24.77
C GLY B 55 -10.13 6.12 23.74
N THR B 56 -10.73 5.58 22.68
CA THR B 56 -9.90 4.91 21.69
C THR B 56 -9.29 5.86 20.71
N LEU B 57 -9.81 7.09 20.65
CA LEU B 57 -9.17 8.16 19.86
C LEU B 57 -8.74 9.20 20.90
N VAL B 58 -7.44 9.39 21.04
CA VAL B 58 -6.93 10.23 22.12
C VAL B 58 -6.77 11.69 21.70
N THR B 59 -7.30 12.58 22.54
CA THR B 59 -7.15 14.00 22.33
C THR B 59 -7.32 14.62 23.73
N PRO B 60 -6.64 15.72 24.00
CA PRO B 60 -6.68 16.32 25.34
C PRO B 60 -8.08 16.72 25.83
N LEU B 61 -8.39 16.37 27.06
CA LEU B 61 -9.67 16.75 27.64
C LEU B 61 -9.41 17.68 28.80
N PRO B 62 -10.40 18.45 29.25
CA PRO B 62 -11.76 18.46 28.70
C PRO B 62 -11.80 19.09 27.32
N VAL B 63 -12.80 18.74 26.51
CA VAL B 63 -12.80 19.18 25.13
C VAL B 63 -14.21 19.54 24.61
N ILE B 64 -14.28 20.43 23.62
CA ILE B 64 -15.47 20.55 22.82
C ILE B 64 -15.20 19.78 21.53
N ALA B 65 -15.81 18.61 21.42
CA ALA B 65 -15.71 17.71 20.28
C ALA B 65 -16.64 18.18 19.16
N GLY B 66 -16.82 17.33 18.14
CA GLY B 66 -17.58 17.74 16.98
C GLY B 66 -16.69 18.29 15.89
N HIS B 67 -16.82 17.75 14.69
CA HIS B 67 -15.97 18.14 13.58
C HIS B 67 -16.69 18.12 12.25
N GLU B 68 -17.88 17.55 12.20
CA GLU B 68 -18.68 17.50 10.97
C GLU B 68 -19.81 18.54 11.12
N ALA B 69 -19.69 19.69 10.46
CA ALA B 69 -20.66 20.76 10.68
C ALA B 69 -20.73 21.79 9.58
N ALA B 70 -21.73 22.67 9.69
CA ALA B 70 -21.82 23.83 8.85
C ALA B 70 -22.44 24.95 9.67
N GLY B 71 -22.08 26.19 9.35
CA GLY B 71 -22.59 27.36 10.05
C GLY B 71 -22.40 28.64 9.25
N ILE B 72 -22.48 29.79 9.93
CA ILE B 72 -22.48 31.06 9.27
C ILE B 72 -21.50 31.92 10.03
N VAL B 73 -20.62 32.60 9.31
CA VAL B 73 -19.58 33.41 9.94
C VAL B 73 -20.18 34.53 10.74
N GLU B 74 -19.74 34.66 11.99
CA GLU B 74 -20.25 35.71 12.86
C GLU B 74 -19.29 36.87 12.80
N SER B 75 -17.97 36.59 12.83
CA SER B 75 -16.95 37.64 12.72
C SER B 75 -15.60 37.06 12.31
N ILE B 76 -14.71 37.92 11.80
CA ILE B 76 -13.40 37.51 11.38
C ILE B 76 -12.35 38.35 12.03
N GLY B 77 -11.21 37.73 12.33
CA GLY B 77 -10.13 38.46 12.92
C GLY B 77 -9.38 39.22 11.85
N GLU B 78 -8.44 40.05 12.29
CA GLU B 78 -7.65 40.80 11.35
C GLU B 78 -6.91 39.88 10.38
N GLY B 79 -6.84 40.28 9.10
CA GLY B 79 -6.06 39.54 8.11
C GLY B 79 -6.78 38.44 7.37
N VAL B 80 -8.02 38.15 7.77
CA VAL B 80 -8.81 37.10 7.11
C VAL B 80 -9.28 37.60 5.76
N THR B 81 -9.07 36.82 4.71
CA THR B 81 -9.46 37.24 3.38
C THR B 81 -10.32 36.24 2.63
N THR B 82 -10.51 35.05 3.17
CA THR B 82 -11.28 34.06 2.43
C THR B 82 -12.73 33.87 2.84
N VAL B 83 -13.12 34.44 3.98
CA VAL B 83 -14.52 34.39 4.34
C VAL B 83 -14.87 35.73 4.96
N ARG B 84 -16.17 36.01 4.99
CA ARG B 84 -16.64 37.26 5.58
C ARG B 84 -17.86 36.97 6.43
N PRO B 85 -18.17 37.86 7.36
CA PRO B 85 -19.37 37.71 8.14
C PRO B 85 -20.62 37.46 7.30
N GLY B 86 -21.44 36.49 7.70
CA GLY B 86 -22.63 36.14 6.97
C GLY B 86 -22.41 35.00 5.98
N ASP B 87 -21.16 34.66 5.73
CA ASP B 87 -20.91 33.56 4.78
C ASP B 87 -21.27 32.23 5.38
N LYS B 88 -21.81 31.35 4.53
CA LYS B 88 -22.02 29.98 4.93
C LYS B 88 -20.64 29.29 4.81
N VAL B 89 -20.31 28.46 5.82
CA VAL B 89 -18.99 27.82 5.86
C VAL B 89 -19.03 26.43 6.47
N ILE B 90 -18.02 25.61 6.15
CA ILE B 90 -17.87 24.31 6.73
C ILE B 90 -16.47 24.28 7.34
N PRO B 91 -16.35 23.98 8.63
CA PRO B 91 -15.03 23.85 9.25
C PRO B 91 -14.34 22.65 8.66
N LEU B 92 -13.02 22.71 8.55
CA LEU B 92 -12.22 21.63 7.95
C LEU B 92 -11.36 20.97 9.05
N PHE B 93 -11.68 19.74 9.45
CA PHE B 93 -10.89 19.04 10.46
C PHE B 93 -9.48 18.67 9.96
N THR B 94 -9.29 18.70 8.66
CA THR B 94 -7.95 18.62 8.09
C THR B 94 -7.78 19.97 7.44
N PRO B 95 -6.84 20.79 7.90
CA PRO B 95 -6.63 22.12 7.29
C PRO B 95 -5.99 22.07 5.91
N GLN B 96 -5.94 23.24 5.25
CA GLN B 96 -5.19 23.39 4.01
C GLN B 96 -4.48 24.71 4.03
N CYS B 97 -3.27 24.70 4.58
CA CYS B 97 -2.50 25.92 4.74
C CYS B 97 -2.02 26.45 3.40
N GLY B 98 -1.86 25.54 2.46
CA GLY B 98 -1.50 25.93 1.11
C GLY B 98 -0.01 26.23 0.95
N LYS B 99 0.77 26.15 2.03
CA LYS B 99 2.19 26.50 2.00
C LYS B 99 3.15 25.36 2.33
N CYS B 100 2.66 24.30 2.97
CA CYS B 100 3.55 23.23 3.36
C CYS B 100 3.81 22.27 2.22
N ARG B 101 4.72 21.32 2.43
CA ARG B 101 5.13 20.42 1.31
C ARG B 101 3.99 19.53 0.89
N VAL B 102 3.14 19.18 1.84
CA VAL B 102 2.02 18.33 1.50
C VAL B 102 1.01 19.13 0.72
N CYS B 103 0.70 20.35 1.21
CA CYS B 103 -0.26 21.20 0.47
C CYS B 103 0.20 21.47 -0.96
N LYS B 104 1.50 21.55 -1.15
CA LYS B 104 2.05 21.82 -2.48
C LYS B 104 2.12 20.57 -3.35
N HIS B 105 1.96 19.38 -2.77
CA HIS B 105 2.08 18.14 -3.53
C HIS B 105 0.77 17.87 -4.26
N PRO B 106 0.80 17.39 -5.50
CA PRO B 106 -0.45 17.18 -6.24
C PRO B 106 -1.33 16.13 -5.61
N GLU B 107 -0.75 15.15 -4.91
CA GLU B 107 -1.60 14.11 -4.36
C GLU B 107 -1.93 14.25 -2.86
N GLY B 108 -1.03 14.89 -2.12
CA GLY B 108 -1.22 14.96 -0.69
C GLY B 108 -2.32 15.85 -0.18
N ASN B 109 -2.89 15.49 0.97
CA ASN B 109 -3.91 16.34 1.59
C ASN B 109 -3.78 16.45 3.08
N PHE B 110 -2.89 15.66 3.70
CA PHE B 110 -2.77 15.69 5.16
C PHE B 110 -1.79 16.84 5.54
N CYS B 111 -2.29 18.05 5.41
CA CYS B 111 -1.50 19.30 5.69
C CYS B 111 -0.75 19.23 6.98
N LEU B 112 0.50 19.73 7.02
CA LEU B 112 1.30 19.57 8.22
C LEU B 112 0.79 20.42 9.41
N LYS B 113 -0.17 21.30 9.19
CA LYS B 113 -0.74 22.08 10.31
C LYS B 113 -1.88 21.32 11.03
N ASN B 114 -2.16 20.09 10.60
CA ASN B 114 -3.23 19.33 11.27
C ASN B 114 -2.96 19.14 12.76
N ASP B 115 -4.04 18.90 13.50
CA ASP B 115 -3.98 18.63 14.94
C ASP B 115 -4.32 17.17 15.22
N LEU B 116 -4.15 16.32 14.21
CA LEU B 116 -4.47 14.92 14.32
C LEU B 116 -3.31 14.06 14.77
N SER B 117 -2.14 14.22 14.13
CA SER B 117 -0.98 13.38 14.44
C SER B 117 -0.50 13.42 15.88
N MET B 118 -0.48 14.61 16.45
CA MET B 118 0.01 14.82 17.81
C MET B 118 -0.92 15.88 18.39
N PRO B 119 -2.15 15.49 18.73
CA PRO B 119 -3.20 16.46 19.12
C PRO B 119 -2.78 17.30 20.29
N ARG B 120 -2.99 18.61 20.18
CA ARG B 120 -2.69 19.56 21.20
C ARG B 120 -4.03 20.07 21.68
N GLY B 121 -5.04 19.99 20.82
CA GLY B 121 -6.34 20.54 21.17
C GLY B 121 -6.35 22.05 21.38
N THR B 122 -5.68 22.80 20.51
CA THR B 122 -5.71 24.27 20.61
C THR B 122 -5.91 24.89 19.22
N MET B 123 -5.93 26.21 19.18
CA MET B 123 -5.86 26.95 17.94
C MET B 123 -4.42 26.82 17.44
N GLN B 124 -4.17 27.29 16.23
CA GLN B 124 -2.82 27.20 15.65
C GLN B 124 -1.81 27.87 16.58
N ASP B 125 -2.24 28.89 17.33
CA ASP B 125 -1.29 29.60 18.21
C ASP B 125 -1.02 28.95 19.56
N GLY B 126 -1.56 27.74 19.77
CA GLY B 126 -1.32 26.99 20.98
C GLY B 126 -2.17 27.36 22.17
N THR B 127 -3.17 28.23 21.94
CA THR B 127 -4.10 28.63 23.00
C THR B 127 -5.53 28.24 22.64
N SER B 128 -6.42 28.41 23.62
CA SER B 128 -7.84 28.06 23.43
C SER B 128 -8.71 29.29 23.50
N ARG B 129 -9.79 29.27 22.73
CA ARG B 129 -10.78 30.33 22.79
C ARG B 129 -11.94 29.96 23.66
N PHE B 130 -11.94 28.79 24.29
CA PHE B 130 -13.09 28.35 25.10
C PHE B 130 -12.81 28.35 26.59
N THR B 131 -13.78 28.85 27.35
CA THR B 131 -13.73 28.75 28.80
C THR B 131 -15.04 28.15 29.30
N CYS B 132 -15.00 27.31 30.34
CA CYS B 132 -16.26 26.83 30.90
C CYS B 132 -16.05 26.66 32.40
N ARG B 133 -16.91 27.32 33.17
CA ARG B 133 -16.80 27.34 34.64
C ARG B 133 -15.42 27.85 35.02
N GLY B 134 -14.92 28.81 34.28
CA GLY B 134 -13.61 29.39 34.55
C GLY B 134 -12.39 28.61 34.09
N LYS B 135 -12.60 27.44 33.53
CA LYS B 135 -11.49 26.60 33.11
C LYS B 135 -11.40 26.60 31.57
N PRO B 136 -10.18 26.64 31.03
CA PRO B 136 -9.99 26.53 29.58
C PRO B 136 -10.40 25.14 29.13
N ILE B 137 -11.05 25.09 27.98
CA ILE B 137 -11.49 23.82 27.39
C ILE B 137 -10.76 23.61 26.08
N HIS B 138 -10.39 22.38 25.76
CA HIS B 138 -9.61 22.13 24.54
C HIS B 138 -10.49 22.16 23.29
N HIS B 139 -9.88 22.48 22.17
CA HIS B 139 -10.52 22.37 20.85
C HIS B 139 -10.28 20.95 20.37
N PHE B 140 -10.93 20.57 19.28
CA PHE B 140 -10.77 19.21 18.73
C PHE B 140 -10.60 19.32 17.22
N LEU B 141 -9.45 18.87 16.73
CA LEU B 141 -9.15 18.90 15.30
C LEU B 141 -9.24 20.30 14.69
N GLY B 142 -9.01 21.31 15.52
CA GLY B 142 -9.15 22.67 15.02
C GLY B 142 -10.59 23.04 14.63
N THR B 143 -11.61 22.32 15.08
CA THR B 143 -13.00 22.61 14.67
C THR B 143 -13.93 22.85 15.86
N SER B 144 -14.23 21.83 16.65
CA SER B 144 -15.04 21.95 17.86
C SER B 144 -16.43 22.47 17.51
N THR B 145 -17.26 21.59 16.97
CA THR B 145 -18.55 22.01 16.47
C THR B 145 -19.72 21.77 17.34
N PHE B 146 -19.51 21.16 18.51
CA PHE B 146 -20.63 20.90 19.42
C PHE B 146 -20.81 22.14 20.33
N SER B 147 -20.99 23.31 19.72
CA SER B 147 -21.11 24.58 20.43
C SER B 147 -21.86 25.51 19.51
N GLN B 148 -22.63 26.44 20.09
CA GLN B 148 -23.43 27.33 19.27
C GLN B 148 -22.52 28.24 18.51
N TYR B 149 -21.33 28.48 19.05
CA TYR B 149 -20.30 29.24 18.37
C TYR B 149 -18.94 28.57 18.56
N THR B 150 -18.13 28.58 17.51
CA THR B 150 -16.75 28.12 17.66
C THR B 150 -15.81 29.12 16.97
N VAL B 151 -14.50 29.00 17.27
CA VAL B 151 -13.54 29.84 16.57
C VAL B 151 -12.53 28.88 15.93
N VAL B 152 -12.25 29.10 14.65
CA VAL B 152 -11.30 28.26 13.92
C VAL B 152 -10.29 29.07 13.20
N ASP B 153 -9.13 28.48 12.93
CA ASP B 153 -8.13 29.21 12.14
C ASP B 153 -8.61 29.32 10.69
N GLU B 154 -8.20 30.36 9.98
CA GLU B 154 -8.67 30.51 8.58
C GLU B 154 -8.37 29.29 7.71
N ILE B 155 -7.22 28.67 7.89
CA ILE B 155 -6.85 27.48 7.11
C ILE B 155 -7.73 26.25 7.43
N SER B 156 -8.65 26.38 8.38
CA SER B 156 -9.50 25.30 8.79
C SER B 156 -10.98 25.67 8.52
N VAL B 157 -11.22 26.56 7.56
CA VAL B 157 -12.60 26.84 7.20
C VAL B 157 -12.71 27.11 5.71
N ALA B 158 -13.84 26.71 5.11
CA ALA B 158 -14.09 26.98 3.68
C ALA B 158 -15.46 27.58 3.49
N LYS B 159 -15.49 28.60 2.66
CA LYS B 159 -16.72 29.25 2.28
C LYS B 159 -17.46 28.37 1.27
N ILE B 160 -18.76 28.26 1.43
CA ILE B 160 -19.61 27.45 0.53
C ILE B 160 -20.77 28.26 0.00
N ASP B 161 -21.46 27.64 -0.95
CA ASP B 161 -22.63 28.24 -1.62
C ASP B 161 -23.58 28.84 -0.59
N ALA B 162 -23.90 30.12 -0.74
CA ALA B 162 -24.81 30.86 0.12
C ALA B 162 -26.23 30.27 0.13
N ALA B 163 -26.55 29.46 -0.87
CA ALA B 163 -27.88 28.89 -0.89
C ALA B 163 -27.88 27.46 -0.38
N SER B 164 -26.74 26.96 0.10
CA SER B 164 -26.77 25.56 0.53
C SER B 164 -27.56 25.23 1.77
N PRO B 165 -28.19 24.08 1.77
CA PRO B 165 -28.92 23.61 2.95
C PRO B 165 -27.96 23.03 4.00
N LEU B 166 -27.69 23.81 5.04
CA LEU B 166 -26.63 23.46 5.97
C LEU B 166 -26.92 22.18 6.76
N GLU B 167 -28.18 21.84 6.92
CA GLU B 167 -28.52 20.66 7.67
C GLU B 167 -28.27 19.38 6.85
N LYS B 168 -27.93 19.56 5.59
CA LYS B 168 -27.50 18.42 4.81
C LYS B 168 -26.02 18.48 4.47
N VAL B 169 -25.53 19.62 4.03
CA VAL B 169 -24.15 19.65 3.59
C VAL B 169 -23.10 19.60 4.69
N CYS B 170 -23.52 19.64 5.94
CA CYS B 170 -22.55 19.47 7.01
C CYS B 170 -21.86 18.13 6.78
N LEU B 171 -22.55 17.18 6.12
CA LEU B 171 -21.94 15.84 5.88
C LEU B 171 -20.71 15.90 4.97
N ILE B 172 -20.62 16.93 4.16
CA ILE B 172 -19.47 17.11 3.31
C ILE B 172 -18.24 17.49 4.15
N GLY B 173 -18.51 17.91 5.38
CA GLY B 173 -17.46 18.23 6.35
C GLY B 173 -16.73 16.99 6.89
N CYS B 174 -17.32 15.81 6.71
CA CYS B 174 -16.58 14.62 7.11
C CYS B 174 -17.03 13.34 6.41
N GLY B 175 -18.12 12.79 6.89
CA GLY B 175 -18.66 11.51 6.46
C GLY B 175 -18.75 11.25 4.96
N PHE B 176 -19.47 12.11 4.25
CA PHE B 176 -19.67 11.88 2.83
C PHE B 176 -18.33 11.96 2.07
N SER B 177 -17.61 13.05 2.28
CA SER B 177 -16.41 13.30 1.49
C SER B 177 -15.38 12.21 1.77
N THR B 178 -15.30 11.79 3.00
CA THR B 178 -14.31 10.77 3.35
C THR B 178 -14.62 9.48 2.56
N GLY B 179 -15.85 9.05 2.61
CA GLY B 179 -16.18 7.79 1.93
C GLY B 179 -16.06 7.90 0.44
N TYR B 180 -16.70 8.92 -0.11
CA TYR B 180 -16.73 9.16 -1.56
C TYR B 180 -15.31 9.29 -2.10
N GLY B 181 -14.49 10.12 -1.44
CA GLY B 181 -13.11 10.31 -1.90
C GLY B 181 -12.24 9.08 -1.78
N SER B 182 -12.46 8.28 -0.73
CA SER B 182 -11.65 7.09 -0.57
C SER B 182 -11.83 6.17 -1.79
N ALA B 183 -13.05 6.15 -2.31
CA ALA B 183 -13.33 5.39 -3.56
C ALA B 183 -12.80 6.07 -4.82
N VAL B 184 -13.20 7.32 -5.06
CA VAL B 184 -12.90 7.91 -6.34
C VAL B 184 -11.51 8.50 -6.44
N LYS B 185 -10.95 8.95 -5.34
CA LYS B 185 -9.63 9.61 -5.40
C LYS B 185 -8.48 8.77 -4.83
N VAL B 186 -8.74 8.07 -3.74
CA VAL B 186 -7.67 7.28 -3.12
C VAL B 186 -7.51 5.92 -3.80
N ALA B 187 -8.55 5.11 -3.79
CA ALA B 187 -8.48 3.82 -4.48
C ALA B 187 -8.49 4.02 -6.01
N LYS B 188 -9.17 5.05 -6.47
CA LYS B 188 -9.36 5.23 -7.92
C LYS B 188 -10.05 4.00 -8.51
N VAL B 189 -11.22 3.68 -7.96
CA VAL B 189 -12.03 2.57 -8.48
C VAL B 189 -12.28 2.71 -9.99
N THR B 190 -12.12 1.61 -10.70
CA THR B 190 -12.26 1.61 -12.16
C THR B 190 -13.58 1.04 -12.62
N GLN B 191 -13.98 1.42 -13.83
CA GLN B 191 -15.24 0.93 -14.41
C GLN B 191 -15.17 -0.58 -14.59
N GLY B 192 -16.21 -1.24 -14.13
CA GLY B 192 -16.40 -2.67 -14.25
C GLY B 192 -15.72 -3.52 -13.16
N SER B 193 -15.14 -2.86 -12.15
CA SER B 193 -14.41 -3.62 -11.12
C SER B 193 -15.34 -4.20 -10.07
N THR B 194 -14.79 -5.05 -9.24
CA THR B 194 -15.50 -5.61 -8.10
C THR B 194 -14.91 -4.99 -6.82
N CYS B 195 -15.75 -4.40 -5.99
CA CYS B 195 -15.36 -3.73 -4.75
C CYS B 195 -16.00 -4.43 -3.54
N ALA B 196 -15.27 -4.43 -2.42
CA ALA B 196 -15.83 -4.93 -1.16
C ALA B 196 -15.70 -3.82 -0.15
N VAL B 197 -16.78 -3.52 0.57
CA VAL B 197 -16.72 -2.43 1.54
C VAL B 197 -17.06 -3.01 2.88
N PHE B 198 -16.09 -2.95 3.83
CA PHE B 198 -16.26 -3.45 5.18
C PHE B 198 -16.76 -2.30 6.05
N GLY B 199 -18.00 -2.44 6.54
CA GLY B 199 -18.61 -1.41 7.35
C GLY B 199 -19.57 -0.58 6.58
N LEU B 200 -20.85 -0.62 6.96
CA LEU B 200 -21.89 0.05 6.18
C LEU B 200 -22.62 1.14 6.99
N GLY B 201 -21.85 1.88 7.79
CA GLY B 201 -22.39 3.04 8.45
C GLY B 201 -22.28 4.22 7.51
N GLY B 202 -22.32 5.44 8.03
CA GLY B 202 -22.36 6.63 7.19
C GLY B 202 -21.20 6.71 6.21
N VAL B 203 -20.01 6.35 6.69
CA VAL B 203 -18.85 6.49 5.83
C VAL B 203 -18.83 5.38 4.78
N GLY B 204 -19.16 4.16 5.19
CA GLY B 204 -19.19 3.02 4.25
C GLY B 204 -20.22 3.22 3.17
N LEU B 205 -21.37 3.78 3.52
CA LEU B 205 -22.37 4.05 2.46
C LEU B 205 -21.84 5.07 1.48
N SER B 206 -21.03 6.00 1.97
CA SER B 206 -20.45 6.97 1.06
C SER B 206 -19.38 6.36 0.16
N VAL B 207 -18.66 5.35 0.66
CA VAL B 207 -17.68 4.64 -0.14
C VAL B 207 -18.48 3.92 -1.28
N ILE B 208 -19.62 3.33 -0.90
CA ILE B 208 -20.47 2.65 -1.89
C ILE B 208 -20.91 3.67 -2.96
N MET B 209 -21.40 4.81 -2.53
CA MET B 209 -21.76 5.83 -3.52
C MET B 209 -20.61 6.15 -4.46
N GLY B 210 -19.39 6.24 -3.93
CA GLY B 210 -18.24 6.51 -4.78
C GLY B 210 -17.94 5.36 -5.74
N CYS B 211 -18.02 4.13 -5.27
CA CYS B 211 -17.74 2.98 -6.11
C CYS B 211 -18.77 2.94 -7.24
N LYS B 212 -20.01 3.24 -6.94
CA LYS B 212 -21.06 3.24 -7.98
C LYS B 212 -20.80 4.35 -8.98
N ALA B 213 -20.40 5.51 -8.46
CA ALA B 213 -20.17 6.60 -9.38
C ALA B 213 -18.99 6.35 -10.29
N ALA B 214 -18.02 5.56 -9.79
CA ALA B 214 -16.80 5.20 -10.56
C ALA B 214 -17.07 4.06 -11.57
N GLY B 215 -18.29 3.56 -11.56
CA GLY B 215 -18.71 2.53 -12.47
C GLY B 215 -18.34 1.11 -12.11
N ALA B 216 -18.15 0.81 -10.81
CA ALA B 216 -17.90 -0.59 -10.36
C ALA B 216 -19.05 -1.47 -10.82
N ALA B 217 -18.75 -2.69 -11.26
CA ALA B 217 -19.81 -3.62 -11.67
C ALA B 217 -20.44 -4.36 -10.48
N ARG B 218 -19.65 -4.60 -9.44
CA ARG B 218 -20.09 -5.32 -8.23
C ARG B 218 -19.54 -4.56 -7.01
N ILE B 219 -20.38 -4.42 -6.01
CA ILE B 219 -19.98 -3.74 -4.79
C ILE B 219 -20.56 -4.59 -3.69
N ILE B 220 -19.71 -5.30 -2.98
CA ILE B 220 -20.19 -6.22 -1.95
C ILE B 220 -20.09 -5.50 -0.60
N GLY B 221 -21.22 -5.28 0.07
CA GLY B 221 -21.20 -4.68 1.42
C GLY B 221 -20.93 -5.78 2.44
N VAL B 222 -20.20 -5.48 3.49
CA VAL B 222 -19.87 -6.47 4.50
C VAL B 222 -20.14 -5.80 5.84
N ASP B 223 -21.04 -6.37 6.62
CA ASP B 223 -21.33 -5.83 7.94
C ASP B 223 -21.91 -6.95 8.83
N ILE B 224 -21.67 -6.85 10.12
CA ILE B 224 -22.19 -7.85 11.05
C ILE B 224 -23.64 -7.49 11.48
N ASN B 225 -24.12 -6.31 11.11
CA ASN B 225 -25.45 -5.85 11.42
C ASN B 225 -26.26 -5.89 10.16
N LYS B 226 -27.01 -6.97 9.96
CA LYS B 226 -27.79 -7.09 8.76
C LYS B 226 -28.84 -6.00 8.55
N ASP B 227 -29.15 -5.26 9.60
CA ASP B 227 -30.11 -4.19 9.45
C ASP B 227 -29.60 -3.16 8.48
N ARG B 228 -28.30 -3.17 8.21
CA ARG B 228 -27.71 -2.15 7.33
C ARG B 228 -27.80 -2.44 5.84
N PHE B 229 -28.14 -3.68 5.50
CA PHE B 229 -28.08 -4.11 4.08
C PHE B 229 -29.04 -3.40 3.16
N ALA B 230 -30.27 -3.20 3.64
CA ALA B 230 -31.24 -2.52 2.79
C ALA B 230 -30.74 -1.19 2.25
N LYS B 231 -30.28 -0.31 3.13
CA LYS B 231 -29.82 1.00 2.69
C LYS B 231 -28.57 0.81 1.83
N ALA B 232 -27.75 -0.17 2.15
CA ALA B 232 -26.53 -0.34 1.34
C ALA B 232 -26.88 -0.64 -0.14
N LYS B 233 -27.91 -1.44 -0.32
CA LYS B 233 -28.29 -1.79 -1.69
C LYS B 233 -28.94 -0.58 -2.35
N GLU B 234 -29.69 0.22 -1.59
CA GLU B 234 -30.31 1.44 -2.15
C GLU B 234 -29.29 2.36 -2.78
N VAL B 235 -28.12 2.50 -2.11
CA VAL B 235 -27.12 3.40 -2.62
C VAL B 235 -26.13 2.74 -3.55
N GLY B 236 -26.30 1.45 -3.79
CA GLY B 236 -25.49 0.82 -4.81
C GLY B 236 -24.84 -0.52 -4.57
N ALA B 237 -24.96 -1.11 -3.37
CA ALA B 237 -24.36 -2.40 -3.15
C ALA B 237 -25.13 -3.40 -4.00
N THR B 238 -24.41 -4.30 -4.64
CA THR B 238 -25.04 -5.35 -5.46
C THR B 238 -25.36 -6.61 -4.65
N GLU B 239 -24.70 -6.78 -3.53
CA GLU B 239 -24.84 -7.95 -2.64
C GLU B 239 -24.35 -7.50 -1.26
N CYS B 240 -24.81 -8.16 -0.20
CA CYS B 240 -24.33 -7.86 1.14
C CYS B 240 -24.07 -9.15 1.87
N VAL B 241 -23.00 -9.23 2.68
CA VAL B 241 -22.78 -10.47 3.40
C VAL B 241 -22.49 -10.19 4.86
N ASN B 242 -22.93 -11.07 5.74
CA ASN B 242 -22.67 -10.90 7.19
C ASN B 242 -21.68 -11.97 7.61
N PRO B 243 -20.46 -11.60 7.99
CA PRO B 243 -19.44 -12.60 8.33
C PRO B 243 -19.94 -13.63 9.34
N GLN B 244 -20.91 -13.22 10.16
CA GLN B 244 -21.41 -14.12 11.21
C GLN B 244 -22.18 -15.29 10.64
N ASP B 245 -22.53 -15.23 9.35
CA ASP B 245 -23.37 -16.28 8.75
C ASP B 245 -22.53 -17.41 8.25
N TYR B 246 -21.21 -17.26 8.31
CA TYR B 246 -20.34 -18.24 7.69
C TYR B 246 -19.45 -19.00 8.67
N LYS B 247 -19.13 -20.24 8.34
CA LYS B 247 -18.23 -21.04 9.15
C LYS B 247 -16.77 -20.87 8.70
N LYS B 248 -16.53 -20.11 7.64
CA LYS B 248 -15.16 -19.92 7.19
C LYS B 248 -14.86 -18.40 7.24
N PRO B 249 -13.61 -18.03 7.39
CA PRO B 249 -13.24 -16.60 7.47
C PRO B 249 -13.77 -15.78 6.28
N ILE B 250 -14.17 -14.54 6.55
CA ILE B 250 -14.78 -13.74 5.50
C ILE B 250 -13.86 -13.50 4.31
N GLN B 251 -12.55 -13.44 4.51
CA GLN B 251 -11.73 -13.17 3.35
C GLN B 251 -11.84 -14.32 2.38
N GLU B 252 -11.99 -15.53 2.91
CA GLU B 252 -12.13 -16.68 2.01
C GLU B 252 -13.46 -16.61 1.24
N VAL B 253 -14.51 -16.19 1.94
CA VAL B 253 -15.78 -16.03 1.27
C VAL B 253 -15.68 -15.01 0.15
N LEU B 254 -15.07 -13.89 0.44
CA LEU B 254 -15.00 -12.84 -0.55
C LEU B 254 -14.11 -13.19 -1.72
N THR B 255 -13.07 -13.95 -1.47
CA THR B 255 -12.16 -14.33 -2.55
C THR B 255 -12.94 -15.29 -3.48
N GLU B 256 -13.69 -16.21 -2.89
CA GLU B 256 -14.53 -17.16 -3.69
C GLU B 256 -15.61 -16.45 -4.50
N MET B 257 -16.29 -15.48 -3.88
CA MET B 257 -17.34 -14.73 -4.56
C MET B 257 -16.86 -13.97 -5.73
N SER B 258 -15.62 -13.51 -5.63
CA SER B 258 -15.06 -12.66 -6.68
C SER B 258 -14.14 -13.48 -7.59
N ASN B 259 -14.23 -14.80 -7.56
CA ASN B 259 -13.43 -15.63 -8.46
C ASN B 259 -11.95 -15.32 -8.41
N GLY B 260 -11.44 -15.16 -7.19
CA GLY B 260 -10.02 -14.99 -7.02
C GLY B 260 -9.62 -13.72 -6.28
N GLY B 261 -10.57 -12.93 -5.80
CA GLY B 261 -10.20 -11.72 -5.04
C GLY B 261 -10.80 -10.48 -5.66
N VAL B 262 -11.13 -9.47 -4.86
CA VAL B 262 -11.74 -8.24 -5.40
C VAL B 262 -10.70 -7.25 -5.95
N ASP B 263 -11.12 -6.31 -6.79
CA ASP B 263 -10.22 -5.30 -7.30
C ASP B 263 -9.91 -4.25 -6.24
N PHE B 264 -10.92 -3.84 -5.44
CA PHE B 264 -10.72 -2.80 -4.44
C PHE B 264 -11.44 -3.21 -3.20
N SER B 265 -10.78 -3.11 -2.04
CA SER B 265 -11.48 -3.33 -0.75
C SER B 265 -11.30 -2.10 0.11
N PHE B 266 -12.21 -1.91 1.06
CA PHE B 266 -12.19 -0.72 1.89
C PHE B 266 -12.50 -1.13 3.29
N GLU B 267 -11.67 -0.73 4.25
CA GLU B 267 -12.01 -1.00 5.65
C GLU B 267 -12.57 0.30 6.15
N VAL B 268 -13.85 0.28 6.56
CA VAL B 268 -14.57 1.45 7.01
C VAL B 268 -15.21 1.19 8.39
N ILE B 269 -14.46 0.56 9.28
CA ILE B 269 -14.95 0.25 10.64
C ILE B 269 -14.02 0.80 11.70
N GLY B 270 -12.75 0.42 11.60
CA GLY B 270 -11.73 0.85 12.55
C GLY B 270 -11.22 -0.31 13.40
N ARG B 271 -11.22 -1.53 12.87
CA ARG B 271 -10.72 -2.65 13.67
C ARG B 271 -9.45 -3.20 13.04
N LEU B 272 -8.48 -3.58 13.87
CA LEU B 272 -7.24 -4.15 13.33
C LEU B 272 -7.53 -5.41 12.55
N ASP B 273 -8.41 -6.27 13.05
CA ASP B 273 -8.65 -7.52 12.33
C ASP B 273 -9.30 -7.33 10.93
N THR B 274 -10.30 -6.50 10.84
CA THR B 274 -10.88 -6.24 9.53
C THR B 274 -9.93 -5.49 8.60
N MET B 275 -8.95 -4.75 9.12
CA MET B 275 -8.00 -4.16 8.16
C MET B 275 -7.20 -5.24 7.46
N VAL B 276 -6.83 -6.29 8.21
CA VAL B 276 -6.01 -7.34 7.57
C VAL B 276 -6.89 -8.15 6.66
N THR B 277 -8.12 -8.41 7.09
CA THR B 277 -9.09 -9.21 6.32
C THR B 277 -9.40 -8.48 4.99
N ALA B 278 -9.62 -7.18 5.07
CA ALA B 278 -9.90 -6.41 3.84
C ALA B 278 -8.69 -6.52 2.91
N LEU B 279 -7.48 -6.39 3.46
CA LEU B 279 -6.31 -6.51 2.59
C LEU B 279 -6.27 -7.87 1.90
N SER B 280 -6.48 -8.91 2.70
CA SER B 280 -6.38 -10.25 2.18
C SER B 280 -7.39 -10.58 1.10
N CYS B 281 -8.59 -10.00 1.20
CA CYS B 281 -9.67 -10.29 0.25
C CYS B 281 -9.51 -9.63 -1.12
N CYS B 282 -8.55 -8.72 -1.25
CA CYS B 282 -8.28 -8.14 -2.56
C CYS B 282 -7.30 -9.07 -3.34
N GLN B 283 -7.40 -9.07 -4.66
CA GLN B 283 -6.68 -10.02 -5.52
C GLN B 283 -5.18 -9.85 -5.26
N GLU B 284 -4.47 -10.97 -5.09
CA GLU B 284 -3.10 -10.94 -4.56
C GLU B 284 -2.10 -10.26 -5.45
N ALA B 285 -2.39 -10.23 -6.74
CA ALA B 285 -1.43 -9.65 -7.68
C ALA B 285 -1.69 -8.15 -8.02
N TYR B 286 -2.94 -7.70 -8.03
CA TYR B 286 -3.22 -6.33 -8.49
C TYR B 286 -4.28 -5.65 -7.66
N GLY B 287 -4.73 -6.33 -6.60
CA GLY B 287 -5.73 -5.75 -5.71
C GLY B 287 -5.27 -4.50 -4.97
N VAL B 288 -6.21 -3.66 -4.54
CA VAL B 288 -5.82 -2.47 -3.77
C VAL B 288 -6.75 -2.41 -2.59
N SER B 289 -6.21 -2.14 -1.40
CA SER B 289 -7.08 -2.07 -0.22
C SER B 289 -6.82 -0.72 0.44
N VAL B 290 -7.90 -0.05 0.83
CA VAL B 290 -7.80 1.26 1.45
C VAL B 290 -8.35 1.23 2.87
N ILE B 291 -7.51 1.66 3.81
CA ILE B 291 -7.98 1.79 5.20
C ILE B 291 -8.65 3.16 5.39
N VAL B 292 -9.89 3.17 5.84
CA VAL B 292 -10.60 4.43 6.10
C VAL B 292 -10.91 4.54 7.58
N GLY B 293 -11.20 3.39 8.20
CA GLY B 293 -11.52 3.41 9.63
C GLY B 293 -10.37 3.83 10.56
N VAL B 294 -10.71 4.46 11.69
CA VAL B 294 -9.65 4.93 12.62
C VAL B 294 -9.43 3.85 13.64
N PRO B 295 -8.21 3.35 13.74
CA PRO B 295 -7.91 2.23 14.60
C PRO B 295 -7.77 2.71 16.06
N PRO B 296 -7.84 1.78 17.01
CA PRO B 296 -7.74 2.11 18.44
C PRO B 296 -6.33 2.62 18.73
N ASP B 297 -6.26 3.57 19.66
CA ASP B 297 -5.02 4.25 19.96
C ASP B 297 -3.88 3.29 20.35
N SER B 298 -2.72 3.47 19.71
CA SER B 298 -1.50 2.75 20.09
C SER B 298 -1.48 1.24 19.91
N GLN B 299 -2.32 0.66 19.05
CA GLN B 299 -2.30 -0.78 18.92
C GLN B 299 -1.79 -1.11 17.54
N ASN B 300 -0.93 -2.11 17.46
CA ASN B 300 -0.33 -2.51 16.17
C ASN B 300 -1.11 -3.68 15.62
N LEU B 301 -1.19 -3.83 14.30
CA LEU B 301 -1.76 -5.04 13.73
C LEU B 301 -0.61 -5.99 13.40
N SER B 302 -0.94 -7.24 13.11
CA SER B 302 0.07 -8.20 12.73
C SER B 302 -0.34 -8.74 11.36
N MET B 303 0.60 -8.85 10.43
CA MET B 303 0.21 -9.32 9.10
C MET B 303 1.41 -9.97 8.42
N ASN B 304 1.13 -10.80 7.43
CA ASN B 304 2.17 -11.51 6.67
C ASN B 304 2.52 -10.67 5.44
N PRO B 305 3.75 -10.14 5.36
CA PRO B 305 4.13 -9.29 4.24
C PRO B 305 4.07 -10.00 2.89
N MET B 306 3.94 -11.32 2.81
CA MET B 306 3.78 -11.93 1.48
C MET B 306 2.48 -11.46 0.85
N LEU B 307 1.55 -10.96 1.67
CA LEU B 307 0.30 -10.45 1.13
C LEU B 307 0.60 -9.25 0.22
N LEU B 308 1.64 -8.49 0.54
CA LEU B 308 2.06 -7.37 -0.28
C LEU B 308 3.05 -7.79 -1.40
N LEU B 309 3.99 -8.68 -1.09
CA LEU B 309 5.00 -9.06 -2.09
C LEU B 309 4.43 -9.60 -3.41
N SER B 310 3.28 -10.25 -3.31
CA SER B 310 2.63 -10.81 -4.50
C SER B 310 2.12 -9.71 -5.43
N GLY B 311 1.99 -8.48 -4.90
CA GLY B 311 1.51 -7.39 -5.76
C GLY B 311 0.43 -6.46 -5.25
N ARG B 312 -0.12 -6.76 -4.09
CA ARG B 312 -1.20 -5.92 -3.53
C ARG B 312 -0.69 -4.56 -3.12
N THR B 313 -1.59 -3.60 -3.13
CA THR B 313 -1.29 -2.23 -2.74
C THR B 313 -2.16 -1.94 -1.53
N TRP B 314 -1.58 -1.38 -0.47
CA TRP B 314 -2.37 -1.08 0.73
C TRP B 314 -2.14 0.39 1.05
N LYS B 315 -3.21 1.12 1.28
CA LYS B 315 -3.05 2.52 1.60
C LYS B 315 -4.15 2.96 2.52
N GLY B 316 -3.98 4.16 3.11
CA GLY B 316 -5.03 4.72 3.96
C GLY B 316 -5.16 6.19 3.56
N ALA B 317 -6.18 6.88 4.06
CA ALA B 317 -6.30 8.33 3.79
C ALA B 317 -7.16 8.99 4.83
N ILE B 318 -6.96 10.28 4.98
CA ILE B 318 -7.76 11.07 5.87
C ILE B 318 -8.62 11.87 4.91
N PHE B 319 -9.89 11.99 5.25
CA PHE B 319 -10.81 12.90 4.52
C PHE B 319 -10.86 12.60 3.01
N GLY B 320 -10.83 11.31 2.69
CA GLY B 320 -11.01 10.90 1.31
C GLY B 320 -9.89 11.33 0.37
N GLY B 321 -8.77 11.75 0.95
CA GLY B 321 -7.68 12.29 0.16
C GLY B 321 -7.92 13.68 -0.45
N PHE B 322 -9.07 14.29 -0.16
CA PHE B 322 -9.36 15.62 -0.64
C PHE B 322 -8.51 16.75 0.02
N LYS B 323 -7.90 17.61 -0.79
CA LYS B 323 -7.31 18.83 -0.23
C LYS B 323 -8.55 19.60 0.25
N SER B 324 -8.61 19.85 1.55
CA SER B 324 -9.89 20.25 2.13
C SER B 324 -10.50 21.55 1.66
N LYS B 325 -9.72 22.63 1.71
CA LYS B 325 -10.29 23.93 1.40
C LYS B 325 -10.60 24.08 -0.07
N ASP B 326 -9.78 23.49 -0.94
CA ASP B 326 -10.11 23.49 -2.33
C ASP B 326 -11.34 22.62 -2.63
N SER B 327 -11.46 21.50 -1.94
CA SER B 327 -12.48 20.53 -2.34
C SER B 327 -13.90 20.72 -1.78
N VAL B 328 -13.98 21.19 -0.56
CA VAL B 328 -15.29 21.25 0.09
C VAL B 328 -16.29 22.15 -0.66
N PRO B 329 -15.92 23.35 -1.09
CA PRO B 329 -16.84 24.18 -1.85
C PRO B 329 -17.23 23.51 -3.15
N LYS B 330 -16.31 22.80 -3.78
CA LYS B 330 -16.65 22.13 -5.01
C LYS B 330 -17.64 21.00 -4.79
N LEU B 331 -17.46 20.27 -3.68
CA LEU B 331 -18.36 19.19 -3.34
C LEU B 331 -19.74 19.72 -3.03
N VAL B 332 -19.82 20.80 -2.27
CA VAL B 332 -21.13 21.45 -2.06
C VAL B 332 -21.75 21.88 -3.40
N ALA B 333 -20.97 22.50 -4.27
CA ALA B 333 -21.56 22.86 -5.58
C ALA B 333 -22.07 21.63 -6.33
N ASP B 334 -21.32 20.55 -6.29
CA ASP B 334 -21.71 19.32 -6.98
C ASP B 334 -23.01 18.77 -6.38
N PHE B 335 -23.14 18.90 -5.05
CA PHE B 335 -24.35 18.50 -4.36
C PHE B 335 -25.52 19.34 -4.84
N MET B 336 -25.33 20.64 -4.96
CA MET B 336 -26.41 21.55 -5.41
C MET B 336 -26.79 21.25 -6.88
N ALA B 337 -25.85 20.69 -7.62
CA ALA B 337 -26.08 20.30 -9.00
C ALA B 337 -26.59 18.86 -9.13
N LYS B 338 -26.95 18.26 -8.00
CA LYS B 338 -27.50 16.92 -7.91
C LYS B 338 -26.59 15.80 -8.41
N LYS B 339 -25.28 15.97 -8.21
CA LYS B 339 -24.32 15.01 -8.70
C LYS B 339 -24.23 13.82 -7.78
N PHE B 340 -24.64 14.01 -6.54
CA PHE B 340 -24.72 12.91 -5.58
C PHE B 340 -25.81 13.26 -4.57
N ALA B 341 -26.18 12.29 -3.74
CA ALA B 341 -27.27 12.41 -2.74
C ALA B 341 -26.75 12.35 -1.31
N LEU B 342 -27.29 13.19 -0.43
CA LEU B 342 -26.91 13.12 0.98
C LEU B 342 -28.03 12.56 1.86
N ASP B 343 -29.30 12.78 1.49
CA ASP B 343 -30.43 12.23 2.28
C ASP B 343 -30.32 10.77 2.73
N PRO B 344 -29.81 9.85 1.89
CA PRO B 344 -29.75 8.45 2.32
C PRO B 344 -28.86 8.23 3.53
N LEU B 345 -27.95 9.15 3.84
CA LEU B 345 -27.08 8.98 4.99
C LEU B 345 -27.71 9.50 6.29
N ILE B 346 -28.80 10.26 6.17
CA ILE B 346 -29.37 10.92 7.34
C ILE B 346 -30.60 10.16 7.83
N THR B 347 -30.53 9.59 9.04
CA THR B 347 -31.66 8.81 9.53
C THR B 347 -32.42 9.52 10.66
N HIS B 348 -31.78 10.53 11.27
CA HIS B 348 -32.34 11.21 12.43
C HIS B 348 -31.93 12.67 12.45
N VAL B 349 -32.86 13.55 12.81
CA VAL B 349 -32.49 14.95 12.91
C VAL B 349 -33.03 15.36 14.27
N LEU B 350 -32.15 15.86 15.16
CA LEU B 350 -32.48 16.20 16.51
C LEU B 350 -31.98 17.59 16.88
N PRO B 351 -32.61 18.18 17.89
CA PRO B 351 -32.12 19.48 18.36
C PRO B 351 -30.76 19.24 19.04
N PHE B 352 -29.90 20.26 19.04
CA PHE B 352 -28.59 20.15 19.64
C PHE B 352 -28.63 19.68 21.09
N GLU B 353 -29.71 20.08 21.79
CA GLU B 353 -29.86 19.78 23.21
C GLU B 353 -30.03 18.30 23.43
N LYS B 354 -30.39 17.56 22.37
CA LYS B 354 -30.50 16.11 22.47
C LYS B 354 -29.19 15.39 22.03
N ILE B 355 -28.04 16.03 22.18
CA ILE B 355 -26.80 15.40 21.70
C ILE B 355 -26.58 14.02 22.35
N ASN B 356 -26.79 13.93 23.65
CA ASN B 356 -26.56 12.63 24.29
C ASN B 356 -27.45 11.55 23.72
N GLU B 357 -28.70 11.87 23.44
CA GLU B 357 -29.61 10.91 22.82
C GLU B 357 -29.08 10.51 21.43
N GLY B 358 -28.56 11.49 20.71
CA GLY B 358 -27.98 11.23 19.38
C GLY B 358 -26.84 10.22 19.46
N PHE B 359 -25.99 10.34 20.48
CA PHE B 359 -24.88 9.40 20.66
C PHE B 359 -25.42 8.02 21.04
N ASP B 360 -26.54 8.00 21.72
CA ASP B 360 -27.11 6.71 22.08
C ASP B 360 -27.65 5.99 20.85
N LEU B 361 -28.18 6.74 19.89
CA LEU B 361 -28.69 6.12 18.68
C LEU B 361 -27.50 5.51 17.92
N LEU B 362 -26.34 6.16 18.00
CA LEU B 362 -25.22 5.66 17.24
C LEU B 362 -24.68 4.38 17.88
N ARG B 363 -24.55 4.40 19.19
CA ARG B 363 -23.98 3.29 19.93
C ARG B 363 -24.89 2.09 19.89
N SER B 364 -26.18 2.32 19.79
CA SER B 364 -27.09 1.19 19.79
C SER B 364 -27.17 0.59 18.41
N GLY B 365 -26.65 1.30 17.42
CA GLY B 365 -26.73 0.86 16.05
C GLY B 365 -27.99 1.31 15.34
N GLU B 366 -28.81 2.10 16.04
CA GLU B 366 -30.07 2.50 15.44
C GLU B 366 -29.93 3.53 14.31
N SER B 367 -28.99 4.46 14.44
CA SER B 367 -28.83 5.48 13.42
C SER B 367 -27.63 5.23 12.46
N ILE B 368 -27.74 5.83 11.28
CA ILE B 368 -26.60 5.98 10.38
C ILE B 368 -26.02 7.36 10.80
N ARG B 369 -26.58 8.46 10.32
CA ARG B 369 -26.12 9.79 10.75
C ARG B 369 -27.27 10.53 11.42
N THR B 370 -27.04 11.08 12.60
CA THR B 370 -28.00 11.97 13.23
C THR B 370 -27.42 13.38 13.05
N ILE B 371 -28.23 14.30 12.56
CA ILE B 371 -27.77 15.69 12.39
C ILE B 371 -28.38 16.45 13.58
N LEU B 372 -27.57 17.27 14.27
CA LEU B 372 -28.02 18.08 15.39
C LEU B 372 -28.23 19.48 14.86
N THR B 373 -29.36 20.10 15.24
CA THR B 373 -29.62 21.44 14.78
C THR B 373 -29.59 22.42 15.95
N PHE B 374 -28.99 23.58 15.73
CA PHE B 374 -28.86 24.57 16.81
C PHE B 374 -30.07 25.48 16.96
#